data_9JN5
#
_entry.id   9JN5
#
_cell.length_a   90.688
_cell.length_b   101.088
_cell.length_c   110.977
_cell.angle_alpha   90.00
_cell.angle_beta   90.00
_cell.angle_gamma   90.00
#
_symmetry.space_group_name_H-M   'P 21 21 21'
#
loop_
_entity.id
_entity.type
_entity.pdbx_description
1 polymer 'FMN-binding protein'
2 non-polymer 'PROTOPORPHYRIN IX CONTAINING FE'
3 non-polymer N~5~-hydroxy-L-ornithine
4 water water
#
_entity_poly.entity_id   1
_entity_poly.type   'polypeptide(L)'
_entity_poly.pdbx_seq_one_letter_code
;AGAGAMFVPGPYHAPEDRWLVDLVRGHPLAQLASNGAGGAAPHITHVPIIVDPELDGPVDRLVGITLWGHMNRANPHWAA
LGGAANVVATFAGPNAYVSPAVYRTAPAAPTWNFTSVQVRGELRKVESADDTLATVRATVAALESRFGAGWDMTGSLDYF
RRILPGVGAFRLRVAEADGMFKLSQEQQPAIRRRVRHSFGGAEATRAVAGLMDRLPTE
;
_entity_poly.pdbx_strand_id   A,B,C,D
#
# COMPACT_ATOMS: atom_id res chain seq x y z
N MET A 6 -15.35 25.33 -3.41
CA MET A 6 -14.16 24.70 -4.08
C MET A 6 -14.43 24.56 -5.58
N PHE A 7 -13.53 25.09 -6.41
CA PHE A 7 -13.61 24.96 -7.88
C PHE A 7 -13.02 23.62 -8.30
N VAL A 8 -13.84 22.77 -8.92
CA VAL A 8 -13.42 21.45 -9.47
C VAL A 8 -13.97 21.35 -10.88
N PRO A 9 -13.10 21.36 -11.91
CA PRO A 9 -13.55 21.14 -13.29
C PRO A 9 -14.19 19.76 -13.49
N GLY A 10 -15.22 19.70 -14.35
CA GLY A 10 -16.11 18.53 -14.58
C GLY A 10 -15.35 17.21 -14.67
N PRO A 11 -14.30 17.12 -15.53
CA PRO A 11 -13.55 15.88 -15.70
C PRO A 11 -12.80 15.41 -14.43
N TYR A 12 -12.63 16.27 -13.42
CA TYR A 12 -11.83 15.94 -12.20
C TYR A 12 -12.76 15.57 -11.02
N HIS A 13 -14.07 15.39 -11.26
CA HIS A 13 -15.02 14.91 -10.21
C HIS A 13 -14.74 13.45 -9.92
N ALA A 14 -14.86 13.00 -8.67
CA ALA A 14 -14.71 11.56 -8.35
C ALA A 14 -15.84 10.81 -9.05
N PRO A 15 -15.64 9.53 -9.46
CA PRO A 15 -16.74 8.74 -10.03
C PRO A 15 -17.90 8.50 -9.06
N GLU A 16 -17.62 8.47 -7.76
CA GLU A 16 -18.59 8.13 -6.68
C GLU A 16 -18.21 8.93 -5.41
N ASP A 17 -19.20 9.22 -4.55
CA ASP A 17 -19.04 9.97 -3.29
C ASP A 17 -18.01 9.26 -2.38
N ARG A 18 -17.96 7.92 -2.42
CA ARG A 18 -17.10 7.09 -1.52
C ARG A 18 -15.61 7.41 -1.71
N TRP A 19 -15.20 7.88 -2.89
CA TRP A 19 -13.80 8.31 -3.13
C TRP A 19 -13.42 9.47 -2.22
N LEU A 20 -14.34 10.38 -1.89
CA LEU A 20 -13.99 11.52 -1.01
C LEU A 20 -13.75 10.94 0.39
N VAL A 21 -14.63 10.05 0.84
CA VAL A 21 -14.52 9.36 2.15
C VAL A 21 -13.19 8.61 2.18
N ASP A 22 -12.85 7.87 1.12
CA ASP A 22 -11.62 7.03 1.06
C ASP A 22 -10.38 7.92 1.20
N LEU A 23 -10.37 9.06 0.53
CA LEU A 23 -9.23 10.00 0.60
C LEU A 23 -9.10 10.54 2.03
N VAL A 24 -10.19 10.96 2.67
CA VAL A 24 -10.14 11.49 4.06
C VAL A 24 -9.51 10.42 4.96
N ARG A 25 -10.01 9.19 4.88
CA ARG A 25 -9.54 8.03 5.69
C ARG A 25 -8.06 7.77 5.44
N GLY A 26 -7.64 7.82 4.18
CA GLY A 26 -6.24 7.59 3.79
C GLY A 26 -5.30 8.73 4.11
N HIS A 27 -5.81 9.93 4.41
CA HIS A 27 -4.97 11.15 4.49
C HIS A 27 -5.40 12.06 5.66
N PRO A 28 -5.41 11.55 6.92
CA PRO A 28 -6.07 12.23 8.04
C PRO A 28 -5.43 13.54 8.52
N LEU A 29 -4.16 13.78 8.21
CA LEU A 29 -3.50 15.05 8.58
C LEU A 29 -3.97 16.14 7.61
N ALA A 30 -5.08 16.78 7.98
CA ALA A 30 -5.74 17.85 7.21
C ALA A 30 -5.07 19.18 7.50
N GLN A 31 -5.20 20.12 6.57
CA GLN A 31 -4.92 21.56 6.79
C GLN A 31 -6.26 22.23 7.13
N LEU A 32 -6.44 22.59 8.40
CA LEU A 32 -7.68 23.27 8.90
C LEU A 32 -7.51 24.77 8.70
N ALA A 33 -8.39 25.42 7.89
CA ALA A 33 -8.30 26.86 7.60
C ALA A 33 -9.53 27.61 8.14
N SER A 34 -9.31 28.77 8.74
CA SER A 34 -10.38 29.73 9.12
C SER A 34 -9.90 31.15 8.83
N ASN A 35 -10.85 32.08 8.76
CA ASN A 35 -10.65 33.46 8.28
C ASN A 35 -9.78 34.21 9.28
N GLY A 36 -8.86 35.00 8.73
CA GLY A 36 -7.92 35.86 9.48
C GLY A 36 -8.63 37.13 9.88
N ALA A 37 -8.35 37.63 11.09
CA ALA A 37 -9.05 38.80 11.66
C ALA A 37 -8.56 40.03 10.90
N GLY A 38 -9.52 40.90 10.51
CA GLY A 38 -9.28 42.24 9.97
C GLY A 38 -8.62 42.18 8.60
N GLY A 39 -9.08 41.26 7.76
CA GLY A 39 -8.53 41.04 6.40
C GLY A 39 -7.12 40.48 6.44
N ALA A 40 -6.67 39.89 7.54
CA ALA A 40 -5.38 39.17 7.58
C ALA A 40 -5.53 37.84 6.81
N ALA A 41 -4.42 37.22 6.41
CA ALA A 41 -4.44 35.88 5.78
C ALA A 41 -5.12 34.89 6.72
N PRO A 42 -5.78 33.84 6.20
CA PRO A 42 -6.28 32.75 7.03
C PRO A 42 -5.24 32.10 7.96
N HIS A 43 -5.74 31.60 9.11
CA HIS A 43 -5.04 30.64 10.00
C HIS A 43 -5.07 29.26 9.35
N ILE A 44 -3.95 28.55 9.44
CA ILE A 44 -3.74 27.18 8.89
C ILE A 44 -3.07 26.32 9.96
N THR A 45 -3.68 25.19 10.36
CA THR A 45 -3.08 24.21 11.27
C THR A 45 -3.25 22.81 10.69
N HIS A 46 -2.16 22.06 10.65
CA HIS A 46 -2.14 20.61 10.31
C HIS A 46 -2.71 19.87 11.52
N VAL A 47 -3.86 19.23 11.36
CA VAL A 47 -4.58 18.58 12.48
C VAL A 47 -5.05 17.21 12.02
N PRO A 48 -5.02 16.17 12.91
CA PRO A 48 -5.53 14.86 12.58
C PRO A 48 -7.06 14.82 12.68
N ILE A 49 -7.71 14.47 11.58
CA ILE A 49 -9.19 14.45 11.49
C ILE A 49 -9.62 13.03 11.06
N ILE A 50 -10.70 12.51 11.67
CA ILE A 50 -11.26 11.16 11.34
C ILE A 50 -12.76 11.30 11.16
N VAL A 51 -13.37 10.35 10.47
CA VAL A 51 -14.84 10.13 10.44
C VAL A 51 -15.31 9.72 11.85
N ASP A 52 -16.43 10.31 12.26
CA ASP A 52 -17.19 9.90 13.48
C ASP A 52 -17.05 8.40 13.69
N PRO A 53 -16.30 7.91 14.72
CA PRO A 53 -16.11 6.47 14.90
C PRO A 53 -17.36 5.68 15.34
N GLU A 54 -18.47 6.39 15.62
CA GLU A 54 -19.76 5.78 16.04
C GLU A 54 -20.62 5.52 14.80
N LEU A 55 -20.16 5.90 13.61
CA LEU A 55 -20.88 5.54 12.36
C LEU A 55 -20.57 4.07 12.05
N ASP A 56 -21.58 3.20 12.20
CA ASP A 56 -21.50 1.76 11.86
C ASP A 56 -22.20 1.56 10.50
N GLY A 57 -21.58 0.81 9.60
CA GLY A 57 -22.07 0.58 8.24
C GLY A 57 -21.32 1.44 7.24
N PRO A 58 -21.33 1.09 5.93
CA PRO A 58 -20.57 1.84 4.94
C PRO A 58 -20.91 3.34 4.98
N VAL A 59 -19.86 4.16 5.04
CA VAL A 59 -19.92 5.64 4.96
C VAL A 59 -19.60 5.99 3.51
N ASP A 60 -20.64 6.35 2.75
CA ASP A 60 -20.56 6.56 1.29
C ASP A 60 -20.36 8.03 0.95
N ARG A 61 -20.88 8.95 1.77
CA ARG A 61 -20.96 10.42 1.49
C ARG A 61 -20.40 11.17 2.71
N LEU A 62 -19.73 12.32 2.51
CA LEU A 62 -19.17 13.13 3.62
C LEU A 62 -20.22 14.12 4.12
N VAL A 63 -21.07 14.65 3.25
CA VAL A 63 -22.13 15.64 3.62
C VAL A 63 -23.15 14.99 4.56
N GLY A 64 -23.44 15.64 5.70
CA GLY A 64 -24.40 15.18 6.72
C GLY A 64 -23.70 14.59 7.94
N ILE A 65 -22.44 14.21 7.78
CA ILE A 65 -21.65 13.45 8.79
C ILE A 65 -20.76 14.39 9.61
N THR A 66 -20.37 13.95 10.81
CA THR A 66 -19.48 14.71 11.73
C THR A 66 -18.09 14.10 11.67
N LEU A 67 -17.09 14.98 11.43
CA LEU A 67 -15.64 14.68 11.56
C LEU A 67 -15.20 15.12 12.94
N TRP A 68 -14.29 14.34 13.55
CA TRP A 68 -13.63 14.56 14.86
C TRP A 68 -12.20 15.00 14.60
N GLY A 69 -11.70 15.98 15.37
CA GLY A 69 -10.28 16.34 15.28
C GLY A 69 -9.77 16.85 16.60
N HIS A 70 -8.47 17.06 16.70
CA HIS A 70 -7.91 17.89 17.81
C HIS A 70 -6.74 18.70 17.31
N MET A 71 -6.38 19.70 18.11
CA MET A 71 -5.22 20.56 17.92
C MET A 71 -4.72 20.94 19.31
N ASN A 72 -3.67 21.76 19.35
CA ASN A 72 -3.09 22.29 20.60
C ASN A 72 -3.92 23.49 21.07
N ARG A 73 -4.49 23.40 22.28
CA ARG A 73 -5.23 24.53 22.91
C ARG A 73 -4.38 25.81 23.00
N ALA A 74 -3.07 25.69 23.14
CA ALA A 74 -2.12 26.82 23.24
C ALA A 74 -1.82 27.38 21.83
N ASN A 75 -2.15 26.63 20.78
CA ASN A 75 -2.18 27.16 19.39
C ASN A 75 -3.13 28.36 19.33
N PRO A 76 -2.65 29.57 18.94
CA PRO A 76 -3.53 30.74 18.87
C PRO A 76 -4.71 30.56 17.88
N HIS A 77 -4.64 29.59 16.95
CA HIS A 77 -5.73 29.24 16.01
C HIS A 77 -6.96 28.79 16.84
N TRP A 78 -6.75 28.10 17.94
CA TRP A 78 -7.82 27.65 18.84
C TRP A 78 -8.59 28.88 19.34
N ALA A 79 -7.90 29.85 19.94
CA ALA A 79 -8.55 31.10 20.43
C ALA A 79 -9.26 31.80 19.27
N ALA A 80 -8.67 31.85 18.06
CA ALA A 80 -9.21 32.65 16.95
C ALA A 80 -10.42 31.93 16.35
N LEU A 81 -10.55 30.62 16.54
CA LEU A 81 -11.73 29.88 16.03
C LEU A 81 -12.98 30.43 16.71
N GLY A 82 -12.89 30.71 18.01
CA GLY A 82 -14.07 31.02 18.84
C GLY A 82 -15.07 29.90 18.61
N GLY A 83 -16.35 30.12 18.95
CA GLY A 83 -17.42 29.14 18.72
C GLY A 83 -18.25 29.53 17.52
N ALA A 84 -18.55 28.59 16.63
CA ALA A 84 -19.44 28.77 15.45
C ALA A 84 -18.68 29.35 14.25
N ALA A 85 -17.39 29.00 14.10
CA ALA A 85 -16.54 29.45 12.96
C ALA A 85 -16.81 28.59 11.74
N ASN A 86 -16.90 29.21 10.57
CA ASN A 86 -17.05 28.45 9.30
C ASN A 86 -15.66 28.06 8.82
N VAL A 87 -15.41 26.76 8.73
CA VAL A 87 -14.03 26.29 8.42
C VAL A 87 -14.02 25.42 7.18
N VAL A 88 -12.83 25.26 6.62
CA VAL A 88 -12.55 24.29 5.53
C VAL A 88 -11.42 23.41 6.08
N ALA A 89 -11.54 22.10 5.91
CA ALA A 89 -10.45 21.16 6.21
C ALA A 89 -10.08 20.50 4.88
N THR A 90 -8.82 20.62 4.48
CA THR A 90 -8.34 20.12 3.16
C THR A 90 -7.48 18.88 3.39
N PHE A 91 -7.88 17.79 2.79
CA PHE A 91 -7.12 16.52 2.81
C PHE A 91 -6.43 16.43 1.45
N ALA A 92 -5.15 16.12 1.46
CA ALA A 92 -4.32 16.01 0.25
C ALA A 92 -3.85 14.55 0.07
N GLY A 93 -4.25 13.93 -1.03
CA GLY A 93 -3.88 12.55 -1.38
C GLY A 93 -2.64 12.43 -2.29
N PRO A 94 -2.54 11.30 -3.01
CA PRO A 94 -1.44 11.06 -3.94
C PRO A 94 -1.36 12.15 -5.03
N ASN A 95 -0.14 12.38 -5.51
CA ASN A 95 0.12 13.48 -6.46
C ASN A 95 1.46 13.20 -7.14
N ALA A 96 1.59 13.66 -8.38
CA ALA A 96 2.85 13.55 -9.13
C ALA A 96 2.88 14.56 -10.25
N TYR A 97 4.06 15.13 -10.51
CA TYR A 97 4.28 16.01 -11.66
C TYR A 97 4.14 15.22 -12.96
N VAL A 98 3.46 15.79 -13.95
CA VAL A 98 3.22 15.12 -15.28
C VAL A 98 4.11 15.83 -16.31
N SER A 99 5.19 15.16 -16.73
CA SER A 99 6.08 15.60 -17.83
C SER A 99 5.40 15.30 -19.15
N PRO A 100 5.23 16.28 -20.04
CA PRO A 100 4.72 16.00 -21.38
C PRO A 100 5.61 15.02 -22.18
N ALA A 101 6.84 14.73 -21.70
CA ALA A 101 7.69 13.71 -22.37
C ALA A 101 6.93 12.37 -22.32
N VAL A 102 6.18 12.14 -21.24
CA VAL A 102 5.37 10.91 -21.04
C VAL A 102 4.26 10.86 -22.11
N TYR A 103 3.71 11.99 -22.53
CA TYR A 103 2.59 12.03 -23.51
C TYR A 103 3.05 11.54 -24.88
N ARG A 104 4.34 11.78 -25.22
CA ARG A 104 4.90 11.54 -26.58
C ARG A 104 4.06 12.27 -27.63
N THR A 105 3.44 13.40 -27.30
CA THR A 105 2.70 14.25 -28.28
C THR A 105 3.23 15.68 -28.20
N ALA A 106 2.80 16.51 -29.14
CA ALA A 106 3.20 17.93 -29.29
C ALA A 106 2.14 18.65 -30.11
N PRO A 107 1.81 19.90 -29.78
CA PRO A 107 2.38 20.57 -28.61
C PRO A 107 1.68 20.15 -27.31
N ALA A 108 2.16 20.63 -26.17
CA ALA A 108 1.71 20.18 -24.84
C ALA A 108 2.19 21.16 -23.78
N ALA A 109 1.62 21.05 -22.59
CA ALA A 109 2.09 21.77 -21.40
C ALA A 109 2.11 20.79 -20.24
N PRO A 110 3.06 20.91 -19.29
CA PRO A 110 3.08 20.04 -18.12
C PRO A 110 1.89 20.32 -17.19
N THR A 111 1.56 19.39 -16.32
CA THR A 111 0.62 19.67 -15.21
C THR A 111 1.10 18.94 -13.95
N TRP A 112 0.27 18.99 -12.94
CA TRP A 112 0.47 18.20 -11.70
C TRP A 112 -0.83 17.46 -11.42
N ASN A 113 -0.78 16.12 -11.48
CA ASN A 113 -1.94 15.31 -11.05
C ASN A 113 -1.94 15.30 -9.54
N PHE A 114 -3.12 15.38 -8.96
CA PHE A 114 -3.29 15.55 -7.52
C PHE A 114 -4.72 15.22 -7.13
N THR A 115 -4.85 14.91 -5.87
CA THR A 115 -6.13 14.58 -5.20
C THR A 115 -6.26 15.46 -3.98
N SER A 116 -7.40 16.14 -3.83
CA SER A 116 -7.73 16.85 -2.57
C SER A 116 -9.20 16.63 -2.23
N VAL A 117 -9.51 16.61 -0.95
CA VAL A 117 -10.91 16.81 -0.50
C VAL A 117 -10.93 18.06 0.37
N GLN A 118 -11.87 18.94 0.08
CA GLN A 118 -12.18 20.11 0.90
C GLN A 118 -13.52 19.92 1.55
N VAL A 119 -13.57 19.89 2.88
CA VAL A 119 -14.85 19.91 3.65
C VAL A 119 -15.02 21.25 4.33
N ARG A 120 -16.26 21.71 4.38
CA ARG A 120 -16.64 23.00 4.99
C ARG A 120 -17.85 22.77 5.91
N GLY A 121 -17.84 23.46 7.05
CA GLY A 121 -19.01 23.62 7.91
C GLY A 121 -18.63 24.37 9.17
N GLU A 122 -19.46 24.26 10.20
CA GLU A 122 -19.20 24.90 11.51
C GLU A 122 -18.30 23.99 12.32
N LEU A 123 -17.26 24.56 12.90
CA LEU A 123 -16.42 23.88 13.90
C LEU A 123 -17.00 24.17 15.27
N ARG A 124 -17.35 23.14 16.05
CA ARG A 124 -17.68 23.29 17.48
C ARG A 124 -16.52 22.78 18.32
N LYS A 125 -16.09 23.58 19.28
CA LYS A 125 -15.05 23.17 20.24
C LYS A 125 -15.70 22.21 21.24
N VAL A 126 -15.04 21.08 21.45
CA VAL A 126 -15.32 20.15 22.57
C VAL A 126 -14.68 20.77 23.82
N GLU A 127 -15.44 20.84 24.93
CA GLU A 127 -14.89 21.24 26.24
C GLU A 127 -14.83 20.04 27.18
N SER A 128 -15.76 19.11 27.02
CA SER A 128 -15.98 17.90 27.86
C SER A 128 -14.73 17.02 27.90
N ALA A 129 -14.22 16.76 29.10
CA ALA A 129 -13.13 15.80 29.36
C ALA A 129 -13.40 14.49 28.62
N ASP A 130 -14.53 13.84 28.90
CA ASP A 130 -14.96 12.55 28.29
C ASP A 130 -14.92 12.61 26.76
N ASP A 131 -15.46 13.66 26.13
CA ASP A 131 -15.52 13.75 24.65
C ASP A 131 -14.09 14.01 24.12
N THR A 132 -13.23 14.68 24.87
CA THR A 132 -11.83 14.98 24.48
C THR A 132 -11.00 13.69 24.46
N LEU A 133 -11.04 12.92 25.56
CA LEU A 133 -10.43 11.58 25.63
C LEU A 133 -11.06 10.65 24.59
N ALA A 134 -12.37 10.67 24.36
CA ALA A 134 -13.01 9.88 23.28
C ALA A 134 -12.38 10.21 21.92
N THR A 135 -12.10 11.49 21.65
CA THR A 135 -11.48 12.00 20.38
C THR A 135 -10.05 11.44 20.19
N VAL A 136 -9.16 11.59 21.16
CA VAL A 136 -7.76 11.09 20.93
C VAL A 136 -7.75 9.55 20.86
N ARG A 137 -8.58 8.82 21.62
CA ARG A 137 -8.63 7.34 21.57
C ARG A 137 -9.18 6.81 20.22
N ALA A 138 -10.24 7.38 19.67
CA ALA A 138 -10.73 7.01 18.32
C ALA A 138 -9.68 7.36 17.24
N THR A 139 -8.98 8.52 17.36
CA THR A 139 -7.81 8.90 16.51
C THR A 139 -6.69 7.86 16.60
N VAL A 140 -6.35 7.39 17.80
CA VAL A 140 -5.35 6.28 17.91
C VAL A 140 -5.96 5.05 17.22
N ALA A 141 -7.20 4.68 17.52
CA ALA A 141 -7.85 3.47 16.99
C ALA A 141 -7.80 3.48 15.45
N ALA A 142 -8.21 4.60 14.82
CA ALA A 142 -8.33 4.74 13.35
C ALA A 142 -6.94 4.79 12.71
N LEU A 143 -6.02 5.61 13.20
CA LEU A 143 -4.73 5.82 12.50
C LEU A 143 -3.77 4.64 12.75
N GLU A 144 -3.73 4.07 13.97
CA GLU A 144 -2.78 2.94 14.25
C GLU A 144 -3.22 1.74 13.39
N SER A 145 -4.52 1.56 13.24
CA SER A 145 -5.08 0.48 12.38
C SER A 145 -4.56 0.62 10.95
N ARG A 146 -4.54 1.84 10.43
CA ARG A 146 -4.35 2.10 8.98
C ARG A 146 -2.87 2.33 8.67
N PHE A 147 -2.10 2.88 9.60
CA PHE A 147 -0.72 3.43 9.39
C PHE A 147 0.31 2.83 10.36
N GLY A 148 -0.16 2.11 11.38
CA GLY A 148 0.67 1.70 12.53
C GLY A 148 1.13 0.25 12.44
N ALA A 149 1.37 -0.33 13.62
CA ALA A 149 2.11 -1.58 13.80
C ALA A 149 1.50 -2.33 14.99
N GLY A 150 0.18 -2.24 15.16
CA GLY A 150 -0.56 -3.02 16.16
C GLY A 150 -0.35 -2.54 17.58
N TRP A 151 0.10 -1.29 17.78
CA TRP A 151 0.35 -0.69 19.12
C TRP A 151 -0.94 -0.68 19.97
N ASP A 152 -0.82 -1.10 21.21
CA ASP A 152 -1.94 -1.20 22.18
C ASP A 152 -1.91 0.04 23.07
N MET A 153 -2.93 0.92 22.96
CA MET A 153 -3.01 2.19 23.76
C MET A 153 -3.36 1.94 25.24
N THR A 154 -3.75 0.70 25.61
CA THR A 154 -4.30 0.34 26.95
C THR A 154 -3.32 0.81 28.01
N GLY A 155 -2.06 0.38 27.93
CA GLY A 155 -1.02 0.70 28.93
C GLY A 155 -0.74 2.19 29.08
N SER A 156 -1.31 3.01 28.20
CA SER A 156 -0.96 4.46 28.11
C SER A 156 -2.18 5.35 28.42
N LEU A 157 -3.36 4.78 28.70
CA LEU A 157 -4.61 5.58 28.95
C LEU A 157 -4.41 6.59 30.10
N ASP A 158 -3.78 6.19 31.21
CA ASP A 158 -3.43 7.10 32.32
C ASP A 158 -2.62 8.28 31.77
N TYR A 159 -1.63 8.00 30.91
CA TYR A 159 -0.75 9.04 30.30
C TYR A 159 -1.60 9.97 29.42
N PHE A 160 -2.50 9.41 28.62
CA PHE A 160 -3.44 10.22 27.80
C PHE A 160 -4.14 11.21 28.76
N ARG A 161 -4.58 10.73 29.91
CA ARG A 161 -5.42 11.54 30.84
C ARG A 161 -4.58 12.68 31.42
N ARG A 162 -3.32 12.40 31.71
CA ARG A 162 -2.37 13.35 32.31
C ARG A 162 -2.11 14.53 31.35
N ILE A 163 -2.05 14.29 30.04
CA ILE A 163 -1.69 15.37 29.06
C ILE A 163 -2.94 15.97 28.43
N LEU A 164 -4.11 15.40 28.70
CA LEU A 164 -5.43 15.77 28.10
C LEU A 164 -5.78 17.26 28.23
N PRO A 165 -5.39 17.99 29.30
CA PRO A 165 -5.78 19.41 29.41
C PRO A 165 -5.34 20.28 28.22
N GLY A 166 -4.24 19.93 27.55
CA GLY A 166 -3.73 20.70 26.39
C GLY A 166 -4.47 20.36 25.09
N VAL A 167 -5.33 19.38 25.11
CA VAL A 167 -6.06 18.98 23.88
C VAL A 167 -7.21 19.97 23.63
N GLY A 168 -7.22 20.56 22.44
CA GLY A 168 -8.37 21.27 21.88
C GLY A 168 -9.08 20.41 20.86
N ALA A 169 -10.08 19.67 21.30
CA ALA A 169 -10.73 18.66 20.44
C ALA A 169 -11.94 19.34 19.82
N PHE A 170 -12.32 18.94 18.61
CA PHE A 170 -13.43 19.60 17.86
C PHE A 170 -14.22 18.61 17.02
N ARG A 171 -15.40 19.11 16.62
CA ARG A 171 -16.44 18.46 15.80
C ARG A 171 -16.71 19.36 14.58
N LEU A 172 -16.60 18.81 13.39
CA LEU A 172 -16.93 19.54 12.15
C LEU A 172 -18.10 18.84 11.44
N ARG A 173 -19.28 19.42 11.57
CA ARG A 173 -20.48 19.05 10.80
C ARG A 173 -20.23 19.46 9.35
N VAL A 174 -19.98 18.49 8.47
CA VAL A 174 -19.73 18.74 7.02
C VAL A 174 -21.04 19.21 6.35
N ALA A 175 -21.09 20.48 5.96
CA ALA A 175 -22.20 21.08 5.18
C ALA A 175 -21.95 20.88 3.68
N GLU A 176 -20.69 21.01 3.26
CA GLU A 176 -20.23 20.93 1.84
C GLU A 176 -18.98 20.03 1.79
N ALA A 177 -18.88 19.20 0.76
CA ALA A 177 -17.68 18.39 0.50
C ALA A 177 -17.41 18.39 -1.01
N ASP A 178 -16.23 18.82 -1.41
CA ASP A 178 -15.79 18.79 -2.83
C ASP A 178 -14.50 18.00 -2.92
N GLY A 179 -14.32 17.30 -4.03
CA GLY A 179 -13.12 16.48 -4.31
C GLY A 179 -12.58 16.73 -5.70
N MET A 180 -11.32 17.16 -5.75
CA MET A 180 -10.45 17.26 -6.95
C MET A 180 -9.76 15.92 -7.17
N PHE A 181 -10.10 15.22 -8.25
CA PHE A 181 -9.36 14.02 -8.70
C PHE A 181 -8.77 14.34 -10.08
N LYS A 182 -7.71 15.13 -10.06
CA LYS A 182 -7.08 15.62 -11.28
C LYS A 182 -6.14 14.52 -11.73
N LEU A 183 -6.60 13.67 -12.63
CA LEU A 183 -5.92 12.41 -12.94
C LEU A 183 -5.83 12.20 -14.46
N SER A 184 -5.52 13.25 -15.23
CA SER A 184 -5.33 13.19 -16.70
C SER A 184 -6.63 12.85 -17.47
N GLN A 185 -7.80 12.97 -16.86
CA GLN A 185 -9.11 12.68 -17.53
C GLN A 185 -9.30 13.64 -18.74
N GLU A 186 -8.62 14.79 -18.78
CA GLU A 186 -8.70 15.79 -19.89
C GLU A 186 -7.94 15.29 -21.13
N GLN A 187 -7.05 14.31 -20.98
CA GLN A 187 -6.20 13.77 -22.09
C GLN A 187 -6.99 12.68 -22.84
N GLN A 188 -6.64 12.43 -24.10
CA GLN A 188 -7.19 11.31 -24.92
C GLN A 188 -6.83 9.98 -24.26
N PRO A 189 -7.59 8.88 -24.51
CA PRO A 189 -7.36 7.60 -23.82
C PRO A 189 -5.93 7.04 -23.86
N ALA A 190 -5.25 7.03 -25.01
CA ALA A 190 -3.90 6.43 -25.14
C ALA A 190 -2.87 7.25 -24.35
N ILE A 191 -3.09 8.56 -24.22
CA ILE A 191 -2.22 9.48 -23.42
C ILE A 191 -2.43 9.20 -21.92
N ARG A 192 -3.68 9.12 -21.46
CA ARG A 192 -4.00 8.71 -20.05
C ARG A 192 -3.30 7.39 -19.75
N ARG A 193 -3.31 6.47 -20.72
CA ARG A 193 -2.68 5.13 -20.63
C ARG A 193 -1.15 5.27 -20.52
N ARG A 194 -0.53 6.15 -21.30
CA ARG A 194 0.94 6.37 -21.25
C ARG A 194 1.31 6.94 -19.87
N VAL A 195 0.54 7.91 -19.39
CA VAL A 195 0.75 8.55 -18.05
C VAL A 195 0.66 7.46 -16.98
N ARG A 196 -0.42 6.67 -16.97
CA ARG A 196 -0.64 5.60 -15.96
C ARG A 196 0.55 4.64 -15.95
N HIS A 197 1.04 4.27 -17.13
CA HIS A 197 2.18 3.33 -17.33
C HIS A 197 3.46 3.93 -16.71
N SER A 198 3.79 5.20 -17.02
CA SER A 198 5.00 5.90 -16.53
C SER A 198 4.99 5.98 -14.99
N PHE A 199 3.82 6.20 -14.38
CA PHE A 199 3.63 6.31 -12.91
C PHE A 199 3.72 4.92 -12.25
N GLY A 200 3.43 3.86 -13.03
CA GLY A 200 3.45 2.45 -12.58
C GLY A 200 4.80 2.01 -12.04
N GLY A 201 5.90 2.60 -12.53
CA GLY A 201 7.28 2.06 -12.37
C GLY A 201 8.14 2.83 -11.37
N ALA A 202 7.55 3.37 -10.29
CA ALA A 202 8.28 3.97 -9.16
C ALA A 202 7.32 4.26 -8.00
N GLU A 203 7.78 4.11 -6.74
CA GLU A 203 6.89 4.19 -5.54
C GLU A 203 6.26 5.59 -5.43
N ALA A 204 7.04 6.66 -5.63
CA ALA A 204 6.57 8.07 -5.53
C ALA A 204 5.24 8.27 -6.27
N THR A 205 4.97 7.47 -7.31
CA THR A 205 3.89 7.72 -8.32
C THR A 205 2.88 6.56 -8.45
N ARG A 206 3.10 5.42 -7.80
CA ARG A 206 2.26 4.20 -7.99
C ARG A 206 0.85 4.42 -7.44
N ALA A 207 0.72 5.18 -6.36
CA ALA A 207 -0.58 5.49 -5.72
C ALA A 207 -1.45 6.29 -6.71
N VAL A 208 -0.83 7.14 -7.52
CA VAL A 208 -1.54 7.95 -8.56
C VAL A 208 -1.94 6.97 -9.66
N ALA A 209 -1.01 6.17 -10.16
CA ALA A 209 -1.31 5.09 -11.13
C ALA A 209 -2.48 4.23 -10.59
N GLY A 210 -2.42 3.87 -9.32
CA GLY A 210 -3.53 3.20 -8.58
C GLY A 210 -4.89 3.85 -8.83
N LEU A 211 -5.05 5.14 -8.57
CA LEU A 211 -6.37 5.81 -8.73
C LEU A 211 -6.75 5.92 -10.23
N MET A 212 -5.76 6.13 -11.12
CA MET A 212 -6.00 6.22 -12.59
C MET A 212 -6.53 4.88 -13.11
N ASP A 213 -6.00 3.75 -12.62
CA ASP A 213 -6.54 2.37 -12.83
C ASP A 213 -8.05 2.34 -12.49
N ARG A 214 -8.42 2.76 -11.27
CA ARG A 214 -9.80 2.63 -10.71
C ARG A 214 -10.79 3.57 -11.41
N LEU A 215 -10.36 4.48 -12.30
CA LEU A 215 -11.31 5.33 -13.05
C LEU A 215 -12.00 4.41 -14.07
N PRO A 216 -13.32 4.58 -14.32
CA PRO A 216 -14.06 3.74 -15.27
C PRO A 216 -13.37 3.57 -16.64
N ALA B 5 -5.88 -25.71 -17.79
CA ALA B 5 -4.82 -26.32 -16.91
C ALA B 5 -4.95 -25.83 -15.45
N MET B 6 -5.73 -24.76 -15.22
CA MET B 6 -6.18 -24.28 -13.90
C MET B 6 -7.71 -24.22 -13.94
N PHE B 7 -8.41 -24.81 -12.96
CA PHE B 7 -9.88 -24.69 -12.84
C PHE B 7 -10.20 -23.32 -12.23
N VAL B 8 -10.81 -22.44 -13.02
CA VAL B 8 -11.32 -21.12 -12.57
C VAL B 8 -12.78 -20.97 -13.01
N PRO B 9 -13.75 -21.06 -12.08
CA PRO B 9 -15.16 -20.85 -12.42
C PRO B 9 -15.37 -19.45 -12.99
N GLY B 10 -16.30 -19.30 -13.95
CA GLY B 10 -16.50 -18.09 -14.76
C GLY B 10 -16.54 -16.79 -13.94
N PRO B 11 -17.31 -16.76 -12.82
CA PRO B 11 -17.47 -15.54 -12.03
C PRO B 11 -16.17 -15.09 -11.34
N TYR B 12 -15.12 -15.92 -11.30
CA TYR B 12 -13.83 -15.58 -10.62
C TYR B 12 -12.73 -15.25 -11.65
N HIS B 13 -13.10 -15.09 -12.91
CA HIS B 13 -12.21 -14.58 -13.99
C HIS B 13 -11.91 -13.11 -13.73
N ALA B 14 -10.67 -12.69 -13.97
CA ALA B 14 -10.28 -11.26 -13.86
C ALA B 14 -11.09 -10.45 -14.85
N PRO B 15 -11.47 -9.19 -14.53
CA PRO B 15 -12.15 -8.33 -15.51
C PRO B 15 -11.32 -8.08 -16.78
N GLU B 16 -10.00 -8.13 -16.68
CA GLU B 16 -9.05 -7.68 -17.73
C GLU B 16 -7.76 -8.48 -17.57
N ASP B 17 -7.07 -8.81 -18.67
CA ASP B 17 -5.79 -9.59 -18.66
C ASP B 17 -4.74 -8.90 -17.76
N ARG B 18 -4.75 -7.55 -17.71
CA ARG B 18 -3.77 -6.74 -16.95
C ARG B 18 -3.81 -7.11 -15.45
N TRP B 19 -4.92 -7.66 -14.94
CA TRP B 19 -5.04 -8.06 -13.51
C TRP B 19 -4.03 -9.19 -13.18
N LEU B 20 -3.81 -10.10 -14.12
CA LEU B 20 -2.89 -11.24 -13.93
C LEU B 20 -1.48 -10.67 -13.85
N VAL B 21 -1.14 -9.74 -14.75
CA VAL B 21 0.18 -9.05 -14.78
C VAL B 21 0.39 -8.29 -13.45
N ASP B 22 -0.63 -7.56 -12.98
CA ASP B 22 -0.56 -6.77 -11.73
C ASP B 22 -0.22 -7.72 -10.58
N LEU B 23 -0.87 -8.87 -10.52
CA LEU B 23 -0.67 -9.83 -9.40
C LEU B 23 0.77 -10.36 -9.45
N VAL B 24 1.24 -10.80 -10.62
CA VAL B 24 2.64 -11.26 -10.81
C VAL B 24 3.59 -10.16 -10.30
N ARG B 25 3.42 -8.92 -10.75
CA ARG B 25 4.31 -7.82 -10.32
C ARG B 25 4.21 -7.64 -8.81
N GLY B 26 2.99 -7.74 -8.25
CA GLY B 26 2.74 -7.48 -6.82
C GLY B 26 3.21 -8.60 -5.91
N HIS B 27 3.48 -9.77 -6.45
CA HIS B 27 3.62 -11.03 -5.64
C HIS B 27 4.69 -11.96 -6.23
N PRO B 28 5.94 -11.47 -6.38
CA PRO B 28 6.94 -12.14 -7.23
C PRO B 28 7.55 -13.42 -6.65
N LEU B 29 7.34 -13.69 -5.37
CA LEU B 29 7.82 -14.97 -4.79
C LEU B 29 6.75 -16.00 -5.12
N ALA B 30 6.94 -16.64 -6.27
CA ALA B 30 6.12 -17.73 -6.83
C ALA B 30 6.52 -19.07 -6.21
N GLN B 31 5.59 -20.00 -6.19
CA GLN B 31 5.81 -21.46 -6.01
C GLN B 31 5.96 -22.08 -7.41
N LEU B 32 7.18 -22.49 -7.75
CA LEU B 32 7.51 -23.14 -9.05
C LEU B 32 7.34 -24.65 -8.84
N ALA B 33 6.47 -25.28 -9.64
CA ALA B 33 6.21 -26.73 -9.51
C ALA B 33 6.56 -27.45 -10.82
N SER B 34 7.22 -28.59 -10.70
CA SER B 34 7.46 -29.52 -11.82
C SER B 34 7.19 -30.94 -11.30
N ASN B 35 6.90 -31.85 -12.22
CA ASN B 35 6.49 -33.25 -11.92
C ASN B 35 7.62 -33.95 -11.18
N GLY B 36 7.25 -34.75 -10.18
CA GLY B 36 8.16 -35.65 -9.45
C GLY B 36 8.44 -36.88 -10.27
N ALA B 37 9.64 -37.44 -10.15
CA ALA B 37 10.12 -38.58 -10.95
C ALA B 37 9.44 -39.85 -10.43
N GLY B 38 8.95 -40.70 -11.34
CA GLY B 38 8.40 -42.04 -11.06
C GLY B 38 7.14 -41.97 -10.21
N GLY B 39 6.23 -41.03 -10.49
CA GLY B 39 4.96 -40.87 -9.77
C GLY B 39 5.13 -40.25 -8.39
N ALA B 40 6.31 -39.76 -8.02
CA ALA B 40 6.51 -39.02 -6.74
C ALA B 40 5.72 -37.70 -6.81
N ALA B 41 5.45 -37.08 -5.67
CA ALA B 41 4.79 -35.77 -5.60
C ALA B 41 5.63 -34.73 -6.33
N PRO B 42 5.01 -33.64 -6.86
CA PRO B 42 5.77 -32.56 -7.47
C PRO B 42 6.83 -31.97 -6.54
N HIS B 43 7.93 -31.49 -7.14
CA HIS B 43 8.89 -30.52 -6.56
C HIS B 43 8.22 -29.14 -6.52
N ILE B 44 8.43 -28.41 -5.43
CA ILE B 44 7.91 -27.05 -5.12
C ILE B 44 9.09 -26.25 -4.58
N THR B 45 9.41 -25.11 -5.21
CA THR B 45 10.39 -24.13 -4.69
C THR B 45 9.82 -22.72 -4.82
N HIS B 46 9.91 -21.99 -3.72
CA HIS B 46 9.68 -20.52 -3.63
C HIS B 46 10.82 -19.79 -4.33
N VAL B 47 10.54 -19.18 -5.48
CA VAL B 47 11.56 -18.47 -6.32
C VAL B 47 11.09 -17.06 -6.64
N PRO B 48 11.99 -16.05 -6.73
CA PRO B 48 11.62 -14.74 -7.23
C PRO B 48 11.48 -14.71 -8.76
N ILE B 49 10.30 -14.32 -9.25
CA ILE B 49 10.02 -14.26 -10.70
C ILE B 49 9.53 -12.84 -11.03
N ILE B 50 10.05 -12.27 -12.12
CA ILE B 50 9.69 -10.93 -12.66
C ILE B 50 9.33 -11.06 -14.14
N VAL B 51 8.54 -10.11 -14.64
CA VAL B 51 8.31 -9.93 -16.10
C VAL B 51 9.63 -9.50 -16.75
N ASP B 52 9.93 -10.09 -17.91
CA ASP B 52 11.01 -9.65 -18.84
C ASP B 52 11.24 -8.15 -18.67
N PRO B 53 12.38 -7.71 -18.08
CA PRO B 53 12.61 -6.29 -17.84
C PRO B 53 12.98 -5.54 -19.12
N GLU B 54 13.28 -6.24 -20.22
CA GLU B 54 13.57 -5.63 -21.55
C GLU B 54 12.24 -5.23 -22.22
N LEU B 55 11.08 -5.62 -21.70
CA LEU B 55 9.76 -5.21 -22.25
C LEU B 55 9.54 -3.72 -21.93
N ASP B 56 9.44 -2.91 -22.97
CA ASP B 56 9.14 -1.45 -22.90
C ASP B 56 7.67 -1.25 -23.29
N GLY B 57 6.95 -0.40 -22.55
CA GLY B 57 5.53 -0.12 -22.77
C GLY B 57 4.64 -1.07 -21.97
N PRO B 58 3.33 -0.75 -21.84
CA PRO B 58 2.43 -1.55 -20.99
C PRO B 58 2.44 -3.04 -21.37
N VAL B 59 2.52 -3.90 -20.35
CA VAL B 59 2.39 -5.38 -20.44
C VAL B 59 0.96 -5.71 -20.00
N ASP B 60 0.07 -5.97 -20.95
CA ASP B 60 -1.38 -6.18 -20.71
C ASP B 60 -1.66 -7.67 -20.48
N ARG B 61 -0.90 -8.56 -21.12
CA ARG B 61 -1.14 -10.04 -21.13
C ARG B 61 0.13 -10.81 -20.77
N LEU B 62 -0.02 -11.89 -19.99
CA LEU B 62 1.10 -12.78 -19.65
C LEU B 62 1.38 -13.78 -20.78
N VAL B 63 0.37 -14.25 -21.54
CA VAL B 63 0.58 -15.25 -22.63
C VAL B 63 1.44 -14.61 -23.73
N GLY B 64 2.50 -15.29 -24.16
CA GLY B 64 3.42 -14.80 -25.21
C GLY B 64 4.72 -14.20 -24.66
N ILE B 65 4.74 -13.71 -23.41
CA ILE B 65 5.93 -13.02 -22.83
C ILE B 65 6.77 -14.03 -22.03
N THR B 66 7.99 -13.64 -21.69
CA THR B 66 8.97 -14.49 -20.98
C THR B 66 9.13 -13.94 -19.56
N LEU B 67 9.08 -14.83 -18.57
CA LEU B 67 9.32 -14.47 -17.16
C LEU B 67 10.77 -14.89 -16.84
N TRP B 68 11.43 -14.13 -15.98
CA TRP B 68 12.81 -14.34 -15.50
C TRP B 68 12.75 -14.76 -14.05
N GLY B 69 13.55 -15.74 -13.65
CA GLY B 69 13.63 -16.17 -12.24
C GLY B 69 15.01 -16.71 -11.92
N HIS B 70 15.29 -16.92 -10.64
CA HIS B 70 16.44 -17.77 -10.22
C HIS B 70 16.07 -18.63 -9.04
N MET B 71 16.89 -19.64 -8.85
CA MET B 71 16.84 -20.50 -7.65
C MET B 71 18.26 -20.91 -7.33
N ASN B 72 18.41 -21.75 -6.33
CA ASN B 72 19.71 -22.28 -5.85
C ASN B 72 20.10 -23.47 -6.72
N ARG B 73 21.27 -23.39 -7.35
CA ARG B 73 21.80 -24.48 -8.21
C ARG B 73 21.89 -25.78 -7.42
N ALA B 74 22.10 -25.70 -6.08
CA ALA B 74 22.32 -26.82 -5.14
C ALA B 74 20.97 -27.38 -4.66
N ASN B 75 19.89 -26.65 -4.91
CA ASN B 75 18.52 -27.16 -4.70
C ASN B 75 18.34 -28.36 -5.64
N PRO B 76 17.98 -29.55 -5.12
CA PRO B 76 17.85 -30.70 -6.00
C PRO B 76 16.75 -30.52 -7.07
N HIS B 77 15.84 -29.55 -6.88
CA HIS B 77 14.80 -29.16 -7.87
C HIS B 77 15.49 -28.65 -9.15
N TRP B 78 16.59 -27.94 -9.02
CA TRP B 78 17.40 -27.48 -10.18
C TRP B 78 17.80 -28.69 -11.04
N ALA B 79 18.41 -29.72 -10.45
CA ALA B 79 18.85 -30.95 -11.16
C ALA B 79 17.64 -31.66 -11.83
N ALA B 80 16.52 -31.75 -11.09
CA ALA B 80 15.28 -32.41 -11.54
C ALA B 80 14.69 -31.68 -12.75
N LEU B 81 14.88 -30.38 -12.88
CA LEU B 81 14.33 -29.64 -14.05
C LEU B 81 15.07 -30.10 -15.31
N GLY B 82 14.33 -30.73 -16.23
CA GLY B 82 14.86 -31.14 -17.54
C GLY B 82 15.28 -29.94 -18.35
N GLY B 83 16.04 -30.17 -19.41
CA GLY B 83 16.32 -29.16 -20.44
C GLY B 83 15.06 -28.39 -20.80
N ALA B 84 13.95 -29.12 -21.07
CA ALA B 84 12.67 -28.57 -21.54
C ALA B 84 11.51 -29.02 -20.64
N ALA B 85 11.63 -28.81 -19.32
CA ALA B 85 10.63 -29.20 -18.31
C ALA B 85 9.38 -28.32 -18.44
N ASN B 86 8.19 -28.90 -18.45
CA ASN B 86 6.91 -28.12 -18.41
C ASN B 86 6.55 -27.83 -16.96
N VAL B 87 6.42 -26.55 -16.61
CA VAL B 87 6.29 -26.09 -15.20
C VAL B 87 5.08 -25.18 -15.06
N VAL B 88 4.67 -25.01 -13.81
CA VAL B 88 3.63 -24.04 -13.38
C VAL B 88 4.32 -23.21 -12.30
N ALA B 89 4.20 -21.89 -12.41
CA ALA B 89 4.57 -20.93 -11.34
C ALA B 89 3.27 -20.28 -10.88
N THR B 90 2.98 -20.37 -9.60
CA THR B 90 1.71 -19.87 -9.00
C THR B 90 2.04 -18.64 -8.14
N PHE B 91 1.31 -17.56 -8.37
CA PHE B 91 1.50 -16.31 -7.61
C PHE B 91 0.27 -16.13 -6.74
N ALA B 92 0.50 -16.03 -5.43
CA ALA B 92 -0.57 -15.87 -4.40
C ALA B 92 -0.65 -14.39 -4.00
N GLY B 93 -1.79 -13.75 -4.30
CA GLY B 93 -2.13 -12.38 -3.94
C GLY B 93 -2.89 -12.25 -2.63
N PRO B 94 -3.56 -11.08 -2.42
CA PRO B 94 -4.26 -10.84 -1.16
C PRO B 94 -5.40 -11.87 -1.01
N ASN B 95 -5.71 -12.23 0.24
CA ASN B 95 -6.69 -13.31 0.58
C ASN B 95 -7.20 -13.06 1.99
N ALA B 96 -8.45 -13.44 2.25
CA ALA B 96 -9.06 -13.37 3.61
C ALA B 96 -10.18 -14.39 3.75
N TYR B 97 -10.25 -15.02 4.92
CA TYR B 97 -11.37 -15.89 5.34
C TYR B 97 -12.65 -15.08 5.38
N VAL B 98 -13.73 -15.56 4.75
CA VAL B 98 -15.06 -14.90 4.81
C VAL B 98 -15.96 -15.65 5.80
N SER B 99 -16.37 -14.94 6.83
CA SER B 99 -17.36 -15.39 7.83
C SER B 99 -18.75 -15.14 7.28
N PRO B 100 -19.65 -16.14 7.25
CA PRO B 100 -21.03 -15.86 6.84
C PRO B 100 -21.71 -14.90 7.84
N ALA B 101 -21.13 -14.67 9.02
CA ALA B 101 -21.72 -13.67 9.95
C ALA B 101 -21.79 -12.34 9.20
N VAL B 102 -20.81 -12.10 8.33
CA VAL B 102 -20.68 -10.81 7.57
C VAL B 102 -21.88 -10.66 6.62
N TYR B 103 -22.32 -11.75 5.98
CA TYR B 103 -23.44 -11.76 4.99
C TYR B 103 -24.75 -11.33 5.64
N ARG B 104 -24.94 -11.60 6.93
CA ARG B 104 -26.22 -11.41 7.66
C ARG B 104 -27.34 -12.15 6.90
N THR B 105 -27.06 -13.24 6.19
CA THR B 105 -28.10 -14.09 5.55
C THR B 105 -27.96 -15.52 6.07
N ALA B 106 -29.00 -16.33 5.86
CA ALA B 106 -29.10 -17.77 6.21
C ALA B 106 -29.96 -18.44 5.16
N PRO B 107 -29.63 -19.66 4.71
CA PRO B 107 -28.44 -20.38 5.16
C PRO B 107 -27.22 -19.92 4.34
N ALA B 108 -26.03 -20.27 4.79
CA ALA B 108 -24.77 -19.87 4.15
C ALA B 108 -23.69 -20.92 4.44
N ALA B 109 -22.55 -20.78 3.78
CA ALA B 109 -21.32 -21.52 4.12
C ALA B 109 -20.16 -20.56 4.01
N PRO B 110 -19.13 -20.69 4.88
CA PRO B 110 -17.98 -19.81 4.83
C PRO B 110 -17.24 -20.09 3.53
N THR B 111 -16.35 -19.19 3.15
N THR B 111 -16.35 -19.17 3.17
CA THR B 111 -15.39 -19.40 2.03
CA THR B 111 -15.45 -19.31 1.98
C THR B 111 -14.08 -18.72 2.38
C THR B 111 -14.12 -18.65 2.34
N TRP B 112 -13.16 -18.67 1.41
CA TRP B 112 -11.90 -17.93 1.53
C TRP B 112 -11.71 -17.21 0.22
N ASN B 113 -11.81 -15.90 0.27
CA ASN B 113 -11.60 -15.05 -0.89
C ASN B 113 -10.09 -15.06 -1.11
N PHE B 114 -9.66 -15.19 -2.34
CA PHE B 114 -8.21 -15.29 -2.59
C PHE B 114 -7.98 -14.93 -4.04
N THR B 115 -6.70 -14.68 -4.32
CA THR B 115 -6.22 -14.31 -5.67
C THR B 115 -5.04 -15.20 -6.00
N SER B 116 -5.05 -15.75 -7.20
CA SER B 116 -3.86 -16.48 -7.69
C SER B 116 -3.75 -16.38 -9.21
N VAL B 117 -2.51 -16.41 -9.66
CA VAL B 117 -2.18 -16.53 -11.10
C VAL B 117 -1.30 -17.76 -11.21
N GLN B 118 -1.71 -18.63 -12.13
CA GLN B 118 -0.93 -19.81 -12.52
C GLN B 118 -0.40 -19.64 -13.93
N VAL B 119 0.91 -19.63 -14.11
CA VAL B 119 1.51 -19.58 -15.48
C VAL B 119 2.17 -20.93 -15.75
N ARG B 120 2.04 -21.41 -16.97
CA ARG B 120 2.59 -22.72 -17.40
C ARG B 120 3.36 -22.49 -18.69
N GLY B 121 4.45 -23.22 -18.86
CA GLY B 121 5.24 -23.27 -20.09
C GLY B 121 6.53 -24.04 -19.85
N GLU B 122 7.47 -23.91 -20.78
CA GLU B 122 8.79 -24.58 -20.74
C GLU B 122 9.73 -23.72 -19.92
N LEU B 123 10.39 -24.29 -18.92
CA LEU B 123 11.50 -23.62 -18.22
C LEU B 123 12.80 -23.93 -18.97
N ARG B 124 13.59 -22.90 -19.33
CA ARG B 124 14.93 -23.05 -19.92
C ARG B 124 15.98 -22.58 -18.92
N LYS B 125 16.93 -23.44 -18.57
CA LYS B 125 18.01 -23.04 -17.66
C LYS B 125 18.91 -22.05 -18.39
N VAL B 126 19.17 -20.91 -17.76
CA VAL B 126 20.26 -19.99 -18.15
C VAL B 126 21.56 -20.63 -17.67
N GLU B 127 22.60 -20.62 -18.51
CA GLU B 127 23.98 -21.07 -18.15
C GLU B 127 24.95 -19.90 -18.27
N SER B 128 24.67 -18.95 -19.17
CA SER B 128 25.49 -17.75 -19.47
C SER B 128 25.67 -16.94 -18.19
N ALA B 129 26.88 -16.40 -17.97
CA ALA B 129 27.22 -15.57 -16.79
C ALA B 129 26.57 -14.20 -16.95
N ASP B 130 26.63 -13.66 -18.16
CA ASP B 130 26.02 -12.35 -18.52
C ASP B 130 24.51 -12.40 -18.22
N ASP B 131 23.82 -13.45 -18.67
CA ASP B 131 22.34 -13.52 -18.54
C ASP B 131 21.97 -13.82 -17.09
N THR B 132 22.83 -14.54 -16.37
CA THR B 132 22.61 -14.89 -14.95
C THR B 132 22.72 -13.59 -14.11
N LEU B 133 23.75 -12.77 -14.34
CA LEU B 133 23.89 -11.46 -13.64
C LEU B 133 22.74 -10.53 -14.05
N ALA B 134 22.43 -10.44 -15.35
CA ALA B 134 21.27 -9.66 -15.86
C ALA B 134 20.03 -10.03 -15.04
N THR B 135 19.84 -11.31 -14.72
CA THR B 135 18.64 -11.82 -14.01
C THR B 135 18.61 -11.25 -12.59
N VAL B 136 19.65 -11.46 -11.79
CA VAL B 136 19.59 -10.99 -10.37
C VAL B 136 19.50 -9.45 -10.33
N ARG B 137 20.18 -8.74 -11.23
CA ARG B 137 20.18 -7.26 -11.27
C ARG B 137 18.78 -6.74 -11.63
N ALA B 138 18.08 -7.37 -12.57
CA ALA B 138 16.70 -6.94 -12.93
C ALA B 138 15.77 -7.26 -11.76
N THR B 139 16.04 -8.35 -11.04
CA THR B 139 15.24 -8.75 -9.85
C THR B 139 15.41 -7.72 -8.73
N VAL B 140 16.63 -7.28 -8.44
CA VAL B 140 16.87 -6.19 -7.46
C VAL B 140 16.15 -4.94 -7.98
N ALA B 141 16.33 -4.59 -9.25
CA ALA B 141 15.73 -3.36 -9.81
C ALA B 141 14.21 -3.40 -9.61
N ALA B 142 13.54 -4.53 -9.89
CA ALA B 142 12.06 -4.62 -9.85
C ALA B 142 11.58 -4.65 -8.40
N LEU B 143 12.15 -5.50 -7.56
CA LEU B 143 11.61 -5.70 -6.19
C LEU B 143 12.00 -4.53 -5.27
N GLU B 144 13.21 -3.96 -5.38
CA GLU B 144 13.64 -2.86 -4.47
C GLU B 144 12.77 -1.63 -4.76
N SER B 145 12.50 -1.36 -6.02
CA SER B 145 11.57 -0.29 -6.44
C SER B 145 10.22 -0.44 -5.71
N ARG B 146 9.69 -1.64 -5.68
CA ARG B 146 8.28 -1.93 -5.31
C ARG B 146 8.12 -2.20 -3.81
N PHE B 147 9.10 -2.84 -3.15
CA PHE B 147 9.00 -3.33 -1.74
C PHE B 147 10.15 -2.78 -0.87
N GLY B 148 11.04 -1.99 -1.45
CA GLY B 148 12.32 -1.64 -0.80
C GLY B 148 12.35 -0.22 -0.26
N ALA B 149 13.56 0.30 -0.14
CA ALA B 149 13.87 1.55 0.58
C ALA B 149 14.98 2.29 -0.18
N GLY B 150 14.95 2.26 -1.51
CA GLY B 150 15.88 2.97 -2.40
C GLY B 150 17.31 2.46 -2.31
N TRP B 151 17.52 1.20 -1.93
CA TRP B 151 18.87 0.61 -1.90
C TRP B 151 19.52 0.63 -3.30
N ASP B 152 20.78 1.06 -3.36
CA ASP B 152 21.57 1.19 -4.60
C ASP B 152 22.49 -0.03 -4.68
N MET B 153 22.28 -0.88 -5.66
CA MET B 153 23.06 -2.13 -5.83
C MET B 153 24.50 -1.85 -6.30
N THR B 154 24.84 -0.61 -6.70
CA THR B 154 26.08 -0.27 -7.47
C THR B 154 27.31 -0.79 -6.73
N GLY B 155 27.44 -0.49 -5.43
CA GLY B 155 28.56 -0.90 -4.56
C GLY B 155 28.57 -2.39 -4.26
N SER B 156 27.53 -3.15 -4.63
CA SER B 156 27.50 -4.61 -4.33
C SER B 156 27.69 -5.45 -5.62
N LEU B 157 27.90 -4.85 -6.78
CA LEU B 157 27.93 -5.59 -8.07
C LEU B 157 29.09 -6.60 -8.08
N ASP B 158 30.24 -6.25 -7.52
CA ASP B 158 31.38 -7.20 -7.39
C ASP B 158 30.98 -8.36 -6.49
N TYR B 159 30.22 -8.10 -5.43
CA TYR B 159 29.72 -9.15 -4.51
C TYR B 159 28.77 -10.07 -5.29
N PHE B 160 27.87 -9.52 -6.11
CA PHE B 160 26.95 -10.32 -6.96
C PHE B 160 27.79 -11.29 -7.80
N ARG B 161 28.87 -10.80 -8.41
CA ARG B 161 29.77 -11.58 -9.31
C ARG B 161 30.39 -12.71 -8.50
N ARG B 162 30.80 -12.38 -7.28
CA ARG B 162 31.49 -13.32 -6.36
C ARG B 162 30.59 -14.53 -6.02
N ILE B 163 29.29 -14.33 -5.78
CA ILE B 163 28.39 -15.43 -5.33
C ILE B 163 27.62 -15.97 -6.55
N LEU B 164 27.83 -15.41 -7.74
CA LEU B 164 27.02 -15.71 -8.95
C LEU B 164 27.00 -17.21 -9.30
N PRO B 165 28.07 -18.00 -9.03
CA PRO B 165 28.07 -19.43 -9.42
C PRO B 165 26.96 -20.31 -8.83
N GLY B 166 26.38 -19.96 -7.68
CA GLY B 166 25.28 -20.75 -7.11
C GLY B 166 23.95 -20.41 -7.76
N VAL B 167 23.88 -19.34 -8.55
CA VAL B 167 22.59 -18.86 -9.11
C VAL B 167 22.15 -19.81 -10.21
N GLY B 168 20.98 -20.41 -10.05
CA GLY B 168 20.28 -21.13 -11.13
C GLY B 168 19.23 -20.26 -11.73
N ALA B 169 19.59 -19.48 -12.73
CA ALA B 169 18.70 -18.49 -13.35
C ALA B 169 17.95 -19.21 -14.45
N PHE B 170 16.71 -18.82 -14.74
CA PHE B 170 15.88 -19.49 -15.78
C PHE B 170 14.98 -18.49 -16.48
N ARG B 171 14.38 -18.97 -17.56
CA ARG B 171 13.40 -18.24 -18.40
C ARG B 171 12.17 -19.15 -18.58
N LEU B 172 10.98 -18.63 -18.31
CA LEU B 172 9.70 -19.34 -18.53
C LEU B 172 8.92 -18.57 -19.59
N ARG B 173 8.85 -19.13 -20.79
CA ARG B 173 7.96 -18.69 -21.88
C ARG B 173 6.54 -19.10 -21.45
N VAL B 174 5.69 -18.11 -21.14
CA VAL B 174 4.28 -18.36 -20.71
C VAL B 174 3.48 -18.83 -21.94
N ALA B 175 3.05 -20.10 -21.91
CA ALA B 175 2.17 -20.71 -22.94
C ALA B 175 0.70 -20.56 -22.51
N GLU B 176 0.43 -20.63 -21.21
CA GLU B 176 -0.93 -20.56 -20.62
C GLU B 176 -0.83 -19.68 -19.36
N ALA B 177 -1.83 -18.82 -19.13
CA ALA B 177 -1.92 -17.97 -17.92
C ALA B 177 -3.38 -18.00 -17.46
N ASP B 178 -3.61 -18.39 -16.22
CA ASP B 178 -4.96 -18.46 -15.62
C ASP B 178 -4.95 -17.68 -14.31
N GLY B 179 -6.01 -16.91 -14.07
CA GLY B 179 -6.20 -16.08 -12.88
C GLY B 179 -7.46 -16.44 -12.15
N MET B 180 -7.32 -16.74 -10.86
CA MET B 180 -8.45 -16.92 -9.91
C MET B 180 -8.60 -15.64 -9.11
N PHE B 181 -9.67 -14.91 -9.32
CA PHE B 181 -10.03 -13.71 -8.50
C PHE B 181 -11.33 -14.06 -7.75
N LYS B 182 -11.17 -14.82 -6.66
CA LYS B 182 -12.28 -15.33 -5.85
C LYS B 182 -12.64 -14.23 -4.85
N LEU B 183 -13.56 -13.35 -5.25
CA LEU B 183 -13.82 -12.07 -4.54
C LEU B 183 -15.33 -11.87 -4.38
N SER B 184 -16.07 -12.92 -4.01
CA SER B 184 -17.52 -12.88 -3.63
C SER B 184 -18.42 -12.48 -4.84
N GLN B 185 -17.94 -12.65 -6.07
CA GLN B 185 -18.75 -12.30 -7.28
C GLN B 185 -20.02 -13.16 -7.35
N GLU B 186 -20.04 -14.35 -6.74
CA GLU B 186 -21.17 -15.32 -6.75
C GLU B 186 -22.30 -14.83 -5.82
N GLN B 187 -22.03 -13.87 -4.93
CA GLN B 187 -23.03 -13.32 -3.97
C GLN B 187 -23.83 -12.17 -4.62
N GLN B 188 -25.04 -11.91 -4.08
CA GLN B 188 -25.89 -10.75 -4.44
C GLN B 188 -25.12 -9.47 -4.12
N PRO B 189 -25.33 -8.36 -4.84
CA PRO B 189 -24.64 -7.09 -4.58
C PRO B 189 -24.61 -6.62 -3.11
N ALA B 190 -25.73 -6.75 -2.39
CA ALA B 190 -25.91 -6.34 -0.98
C ALA B 190 -24.89 -7.07 -0.11
N ILE B 191 -24.71 -8.37 -0.37
CA ILE B 191 -23.80 -9.25 0.42
C ILE B 191 -22.36 -8.92 0.02
N ARG B 192 -22.08 -8.73 -1.26
CA ARG B 192 -20.76 -8.28 -1.77
C ARG B 192 -20.37 -6.99 -1.04
N ARG B 193 -21.31 -6.06 -0.89
CA ARG B 193 -21.05 -4.76 -0.24
C ARG B 193 -20.74 -4.99 1.25
N ARG B 194 -21.52 -5.85 1.91
CA ARG B 194 -21.30 -6.16 3.35
C ARG B 194 -19.88 -6.71 3.54
N VAL B 195 -19.46 -7.68 2.71
CA VAL B 195 -18.09 -8.28 2.73
C VAL B 195 -17.04 -7.15 2.54
N ARG B 196 -17.14 -6.41 1.44
CA ARG B 196 -16.17 -5.33 1.09
C ARG B 196 -16.02 -4.41 2.31
N HIS B 197 -17.14 -4.09 2.97
CA HIS B 197 -17.18 -3.12 4.10
C HIS B 197 -16.48 -3.73 5.31
N SER B 198 -16.75 -5.00 5.62
CA SER B 198 -16.13 -5.71 6.77
C SER B 198 -14.61 -5.82 6.58
N PHE B 199 -14.13 -6.08 5.35
CA PHE B 199 -12.67 -6.17 5.04
C PHE B 199 -12.02 -4.76 5.05
N GLY B 200 -12.83 -3.70 4.88
CA GLY B 200 -12.36 -2.31 4.90
C GLY B 200 -11.61 -1.92 6.17
N GLY B 201 -11.94 -2.51 7.32
CA GLY B 201 -11.53 -2.00 8.64
C GLY B 201 -10.46 -2.82 9.35
N ALA B 202 -9.48 -3.36 8.62
CA ALA B 202 -8.24 -3.95 9.20
C ALA B 202 -7.18 -4.16 8.12
N GLU B 203 -5.90 -3.97 8.48
CA GLU B 203 -4.76 -4.03 7.54
C GLU B 203 -4.76 -5.41 6.87
N ALA B 204 -4.91 -6.50 7.62
CA ALA B 204 -4.90 -7.89 7.10
C ALA B 204 -5.78 -8.00 5.84
N THR B 205 -6.90 -7.27 5.75
CA THR B 205 -7.96 -7.53 4.74
C THR B 205 -8.21 -6.35 3.79
N ARG B 206 -7.48 -5.24 3.91
CA ARG B 206 -7.78 -4.00 3.13
C ARG B 206 -7.44 -4.20 1.64
N ALA B 207 -6.42 -5.00 1.33
CA ALA B 207 -6.01 -5.35 -0.05
C ALA B 207 -7.12 -6.13 -0.79
N VAL B 208 -7.76 -7.06 -0.11
CA VAL B 208 -8.94 -7.79 -0.67
C VAL B 208 -10.03 -6.75 -0.87
N ALA B 209 -10.38 -5.96 0.15
CA ALA B 209 -11.38 -4.87 0.00
C ALA B 209 -11.06 -4.02 -1.24
N GLY B 210 -9.80 -3.63 -1.39
CA GLY B 210 -9.26 -2.85 -2.52
C GLY B 210 -9.55 -3.50 -3.88
N LEU B 211 -9.35 -4.81 -4.02
CA LEU B 211 -9.63 -5.56 -5.27
C LEU B 211 -11.15 -5.66 -5.53
N MET B 212 -11.96 -5.89 -4.49
CA MET B 212 -13.44 -6.00 -4.62
C MET B 212 -14.01 -4.61 -4.95
N ASP B 213 -13.36 -3.55 -4.46
CA ASP B 213 -13.57 -2.14 -4.91
C ASP B 213 -13.45 -2.00 -6.44
N ARG B 214 -12.49 -2.67 -7.10
CA ARG B 214 -12.18 -2.47 -8.55
C ARG B 214 -13.07 -3.33 -9.46
N LEU B 215 -13.95 -4.17 -8.92
CA LEU B 215 -14.83 -5.05 -9.74
C LEU B 215 -16.00 -4.24 -10.29
N PRO B 216 -16.15 -4.13 -11.64
CA PRO B 216 -17.20 -3.32 -12.25
C PRO B 216 -18.59 -3.50 -11.63
N GLY C 4 15.94 -34.43 1.60
CA GLY C 4 14.46 -34.65 1.60
C GLY C 4 13.82 -34.20 0.30
N ALA C 5 12.49 -34.13 0.24
CA ALA C 5 11.74 -33.79 -1.00
C ALA C 5 11.61 -32.26 -1.11
N MET C 6 12.05 -31.55 -0.08
CA MET C 6 12.05 -30.07 -0.02
C MET C 6 13.48 -29.61 0.30
N PHE C 7 14.02 -28.68 -0.50
CA PHE C 7 15.32 -28.07 -0.19
C PHE C 7 15.13 -27.04 0.91
N VAL C 8 15.75 -27.29 2.06
CA VAL C 8 15.76 -26.32 3.18
C VAL C 8 17.20 -26.23 3.68
N PRO C 9 17.90 -25.10 3.40
CA PRO C 9 19.24 -24.87 3.93
C PRO C 9 19.26 -24.92 5.46
N GLY C 10 20.38 -25.33 6.02
CA GLY C 10 20.58 -25.60 7.46
C GLY C 10 20.05 -24.47 8.36
N PRO C 11 20.38 -23.19 8.09
CA PRO C 11 19.96 -22.10 8.99
C PRO C 11 18.45 -21.86 9.05
N TYR C 12 17.67 -22.34 8.06
CA TYR C 12 16.22 -22.05 7.90
C TYR C 12 15.31 -23.18 8.39
N HIS C 13 15.83 -24.16 9.16
CA HIS C 13 14.98 -25.18 9.83
C HIS C 13 14.27 -24.54 11.03
N ALA C 14 13.01 -24.89 11.29
CA ALA C 14 12.27 -24.46 12.48
C ALA C 14 13.05 -24.87 13.73
N PRO C 15 13.03 -24.05 14.81
CA PRO C 15 13.44 -24.48 16.16
C PRO C 15 12.83 -25.80 16.69
N GLU C 16 11.55 -26.00 16.44
CA GLU C 16 10.71 -27.08 17.00
C GLU C 16 9.82 -27.60 15.87
N ASP C 17 9.45 -28.87 15.91
CA ASP C 17 8.53 -29.48 14.92
C ASP C 17 7.19 -28.76 15.01
N ARG C 18 6.85 -28.25 16.19
CA ARG C 18 5.55 -27.59 16.50
C ARG C 18 5.35 -26.34 15.63
N TRP C 19 6.43 -25.69 15.18
CA TRP C 19 6.36 -24.50 14.30
C TRP C 19 5.69 -24.91 12.99
N LEU C 20 5.89 -26.15 12.53
CA LEU C 20 5.30 -26.57 11.24
C LEU C 20 3.78 -26.75 11.43
N VAL C 21 3.39 -27.40 12.52
CA VAL C 21 1.95 -27.60 12.88
C VAL C 21 1.32 -26.22 12.97
N ASP C 22 2.01 -25.28 13.63
CA ASP C 22 1.53 -23.89 13.84
C ASP C 22 1.19 -23.25 12.47
N LEU C 23 2.10 -23.34 11.50
CA LEU C 23 1.93 -22.70 10.16
C LEU C 23 0.73 -23.33 9.43
N VAL C 24 0.54 -24.65 9.51
CA VAL C 24 -0.60 -25.37 8.86
C VAL C 24 -1.91 -24.83 9.44
N ARG C 25 -1.95 -24.68 10.78
CA ARG C 25 -3.12 -24.16 11.52
C ARG C 25 -3.40 -22.71 11.11
N GLY C 26 -2.36 -21.88 10.97
CA GLY C 26 -2.49 -20.42 10.72
C GLY C 26 -2.83 -20.08 9.27
N HIS C 27 -2.49 -20.96 8.33
CA HIS C 27 -2.63 -20.71 6.86
C HIS C 27 -3.25 -21.92 6.18
N PRO C 28 -4.53 -22.24 6.44
CA PRO C 28 -5.11 -23.50 5.98
C PRO C 28 -5.34 -23.59 4.47
N LEU C 29 -5.22 -22.46 3.76
CA LEU C 29 -5.52 -22.43 2.30
C LEU C 29 -4.23 -22.78 1.55
N ALA C 30 -4.08 -24.10 1.35
CA ALA C 30 -2.84 -24.77 0.95
C ALA C 30 -2.86 -24.79 -0.57
N GLN C 31 -1.68 -24.91 -1.17
CA GLN C 31 -1.63 -25.24 -2.63
C GLN C 31 -1.48 -26.77 -2.75
N LEU C 32 -2.46 -27.42 -3.31
CA LEU C 32 -2.38 -28.89 -3.55
C LEU C 32 -1.79 -29.13 -4.94
N ALA C 33 -0.72 -29.95 -5.03
CA ALA C 33 -0.01 -30.24 -6.28
C ALA C 33 0.10 -31.75 -6.46
N SER C 34 -0.11 -32.17 -7.70
CA SER C 34 0.01 -33.57 -8.16
C SER C 34 0.56 -33.51 -9.61
N ASN C 35 1.20 -34.58 -10.08
CA ASN C 35 1.88 -34.61 -11.40
C ASN C 35 0.86 -34.42 -12.52
N GLY C 36 1.20 -33.59 -13.51
CA GLY C 36 0.50 -33.49 -14.80
C GLY C 36 0.68 -34.77 -15.60
N ALA C 37 -0.30 -35.09 -16.45
CA ALA C 37 -0.29 -36.28 -17.32
C ALA C 37 0.60 -35.99 -18.54
N GLY C 38 1.53 -36.92 -18.82
CA GLY C 38 2.31 -37.00 -20.06
C GLY C 38 3.14 -35.73 -20.27
N GLY C 39 3.99 -35.42 -19.29
CA GLY C 39 4.90 -34.25 -19.29
C GLY C 39 4.16 -32.92 -19.25
N ALA C 40 2.90 -32.87 -18.80
CA ALA C 40 2.22 -31.58 -18.54
C ALA C 40 2.72 -31.06 -17.18
N ALA C 41 2.63 -29.74 -16.98
CA ALA C 41 2.89 -29.06 -15.68
C ALA C 41 2.01 -29.74 -14.63
N PRO C 42 2.44 -29.81 -13.34
CA PRO C 42 1.53 -30.19 -12.25
C PRO C 42 0.20 -29.45 -12.22
N HIS C 43 -0.84 -30.14 -11.74
CA HIS C 43 -2.15 -29.54 -11.33
C HIS C 43 -1.93 -28.86 -9.99
N ILE C 44 -2.41 -27.63 -9.84
CA ILE C 44 -2.32 -26.85 -8.57
C ILE C 44 -3.74 -26.38 -8.24
N THR C 45 -4.24 -26.70 -7.06
CA THR C 45 -5.51 -26.18 -6.51
C THR C 45 -5.30 -25.62 -5.11
N HIS C 46 -5.77 -24.39 -4.86
CA HIS C 46 -5.95 -23.83 -3.52
C HIS C 46 -7.15 -24.50 -2.87
N VAL C 47 -6.89 -25.14 -1.74
CA VAL C 47 -7.89 -26.02 -1.07
C VAL C 47 -7.76 -25.83 0.41
N PRO C 48 -8.90 -25.79 1.14
CA PRO C 48 -8.87 -25.70 2.60
C PRO C 48 -8.49 -27.03 3.26
N ILE C 49 -7.42 -27.03 4.08
CA ILE C 49 -6.89 -28.25 4.75
C ILE C 49 -6.72 -28.02 6.26
N ILE C 50 -7.17 -28.98 7.06
CA ILE C 50 -7.08 -28.92 8.54
C ILE C 50 -6.47 -30.22 9.02
N VAL C 51 -5.84 -30.14 10.19
CA VAL C 51 -5.36 -31.28 11.02
C VAL C 51 -6.58 -32.12 11.42
N ASP C 52 -6.46 -33.45 11.36
CA ASP C 52 -7.42 -34.41 11.94
C ASP C 52 -8.08 -33.81 13.18
N PRO C 53 -9.39 -33.50 13.13
CA PRO C 53 -10.07 -32.91 14.28
C PRO C 53 -10.24 -33.86 15.47
N GLU C 54 -10.16 -35.18 15.21
CA GLU C 54 -10.33 -36.23 16.24
C GLU C 54 -9.06 -36.36 17.09
N LEU C 55 -7.95 -35.72 16.68
CA LEU C 55 -6.64 -35.81 17.39
C LEU C 55 -6.75 -35.18 18.78
N ASP C 56 -6.59 -35.97 19.83
CA ASP C 56 -6.55 -35.44 21.22
C ASP C 56 -5.08 -35.20 21.58
N GLY C 57 -4.85 -34.45 22.66
CA GLY C 57 -3.52 -34.16 23.22
C GLY C 57 -2.77 -33.18 22.33
N PRO C 58 -1.56 -32.74 22.72
CA PRO C 58 -0.76 -31.83 21.89
C PRO C 58 -0.34 -32.50 20.57
N VAL C 59 -0.42 -31.76 19.45
CA VAL C 59 0.11 -32.18 18.12
C VAL C 59 1.41 -31.40 17.91
N ASP C 60 2.56 -32.05 18.06
CA ASP C 60 3.89 -31.40 17.92
C ASP C 60 4.52 -31.74 16.56
N ARG C 61 4.03 -32.78 15.88
CA ARG C 61 4.64 -33.30 14.62
C ARG C 61 3.54 -33.59 13.61
N LEU C 62 3.71 -33.11 12.39
CA LEU C 62 2.79 -33.39 11.25
C LEU C 62 3.02 -34.81 10.75
N VAL C 63 4.26 -35.32 10.80
CA VAL C 63 4.53 -36.67 10.21
C VAL C 63 3.74 -37.71 11.00
N GLY C 64 2.90 -38.50 10.33
CA GLY C 64 2.08 -39.54 10.96
C GLY C 64 0.61 -39.12 11.06
N ILE C 65 0.30 -37.83 11.12
CA ILE C 65 -1.13 -37.43 11.31
C ILE C 65 -1.80 -37.44 9.95
N THR C 66 -3.12 -37.46 9.95
CA THR C 66 -3.95 -37.37 8.72
C THR C 66 -4.52 -35.96 8.66
N LEU C 67 -4.35 -35.31 7.50
CA LEU C 67 -4.97 -34.00 7.20
C LEU C 67 -6.28 -34.21 6.43
N TRP C 68 -7.21 -33.31 6.64
CA TRP C 68 -8.56 -33.35 6.01
C TRP C 68 -8.68 -32.12 5.12
N GLY C 69 -9.21 -32.28 3.90
CA GLY C 69 -9.40 -31.18 2.95
C GLY C 69 -10.56 -31.47 2.01
N HIS C 70 -10.96 -30.48 1.23
CA HIS C 70 -11.94 -30.65 0.12
C HIS C 70 -11.55 -29.75 -1.05
N MET C 71 -12.08 -30.09 -2.23
CA MET C 71 -11.98 -29.30 -3.46
C MET C 71 -13.28 -29.47 -4.24
N ASN C 72 -13.40 -28.78 -5.37
CA ASN C 72 -14.58 -28.90 -6.28
C ASN C 72 -14.42 -30.22 -7.06
N ARG C 73 -15.42 -31.10 -6.98
CA ARG C 73 -15.42 -32.37 -7.75
C ARG C 73 -15.38 -32.09 -9.25
N ALA C 74 -15.87 -30.93 -9.67
CA ALA C 74 -15.94 -30.56 -11.10
C ALA C 74 -14.57 -30.03 -11.53
N ASN C 75 -13.66 -29.79 -10.57
CA ASN C 75 -12.24 -29.44 -10.85
C ASN C 75 -11.63 -30.66 -11.53
N PRO C 76 -11.12 -30.55 -12.79
CA PRO C 76 -10.43 -31.67 -13.44
C PRO C 76 -9.33 -32.30 -12.57
N HIS C 77 -8.72 -31.50 -11.71
CA HIS C 77 -7.69 -31.99 -10.75
C HIS C 77 -8.24 -33.20 -9.97
N TRP C 78 -9.52 -33.14 -9.58
CA TRP C 78 -10.18 -34.23 -8.79
C TRP C 78 -10.04 -35.56 -9.53
N ALA C 79 -10.47 -35.61 -10.80
CA ALA C 79 -10.47 -36.84 -11.63
C ALA C 79 -9.03 -37.24 -11.96
N ALA C 80 -8.11 -36.27 -12.07
CA ALA C 80 -6.67 -36.50 -12.33
C ALA C 80 -6.02 -37.14 -11.10
N LEU C 81 -6.54 -36.92 -9.89
CA LEU C 81 -5.89 -37.51 -8.69
C LEU C 81 -6.10 -39.04 -8.67
N GLY C 82 -7.09 -39.54 -9.44
CA GLY C 82 -7.36 -40.98 -9.61
C GLY C 82 -7.41 -41.69 -8.28
N GLY C 83 -6.58 -42.74 -8.10
CA GLY C 83 -6.61 -43.58 -6.90
C GLY C 83 -5.83 -42.98 -5.75
N ALA C 84 -4.62 -43.49 -5.50
CA ALA C 84 -3.75 -43.15 -4.35
C ALA C 84 -2.63 -42.21 -4.84
N ALA C 85 -3.02 -41.07 -5.41
CA ALA C 85 -2.11 -40.04 -5.97
C ALA C 85 -1.12 -39.56 -4.89
N ASN C 86 0.17 -39.56 -5.21
CA ASN C 86 1.23 -38.94 -4.37
C ASN C 86 1.21 -37.42 -4.59
N VAL C 87 0.95 -36.66 -3.54
CA VAL C 87 0.70 -35.19 -3.66
C VAL C 87 1.65 -34.43 -2.75
N VAL C 88 1.73 -33.13 -2.99
CA VAL C 88 2.32 -32.20 -2.01
C VAL C 88 1.29 -31.10 -1.76
N ALA C 89 1.12 -30.78 -0.48
CA ALA C 89 0.32 -29.64 -0.01
C ALA C 89 1.29 -28.66 0.60
N THR C 90 1.37 -27.46 0.02
CA THR C 90 2.24 -26.35 0.46
C THR C 90 1.40 -25.29 1.18
N PHE C 91 1.86 -24.93 2.37
CA PHE C 91 1.22 -23.96 3.29
C PHE C 91 2.17 -22.77 3.41
N ALA C 92 1.74 -21.55 3.05
CA ALA C 92 2.60 -20.34 2.98
C ALA C 92 2.26 -19.38 4.14
N GLY C 93 3.22 -19.14 5.04
CA GLY C 93 3.04 -18.29 6.23
C GLY C 93 3.48 -16.82 6.04
N PRO C 94 3.73 -16.07 7.15
CA PRO C 94 4.23 -14.70 7.04
C PRO C 94 5.48 -14.61 6.16
N ASN C 95 5.60 -13.50 5.41
CA ASN C 95 6.74 -13.25 4.50
C ASN C 95 6.93 -11.75 4.39
N ALA C 96 8.16 -11.29 4.16
CA ALA C 96 8.43 -9.90 3.75
C ALA C 96 9.76 -9.80 3.01
N TYR C 97 9.77 -8.97 1.96
CA TYR C 97 10.98 -8.51 1.24
C TYR C 97 11.94 -7.84 2.24
N VAL C 98 13.22 -8.16 2.13
CA VAL C 98 14.32 -7.54 2.92
C VAL C 98 15.22 -6.69 2.02
N SER C 99 15.09 -5.37 2.15
CA SER C 99 15.98 -4.36 1.53
C SER C 99 17.30 -4.34 2.29
N PRO C 100 18.48 -4.31 1.62
CA PRO C 100 19.76 -4.18 2.33
C PRO C 100 19.95 -2.80 3.01
N ALA C 101 19.18 -1.79 2.58
CA ALA C 101 19.03 -0.51 3.31
C ALA C 101 18.87 -0.80 4.81
N VAL C 102 18.01 -1.77 5.18
CA VAL C 102 17.66 -2.14 6.58
C VAL C 102 18.93 -2.68 7.27
N TYR C 103 19.74 -3.47 6.56
CA TYR C 103 21.02 -4.02 7.10
C TYR C 103 21.95 -2.88 7.52
N ARG C 104 22.06 -1.85 6.67
CA ARG C 104 23.00 -0.70 6.79
C ARG C 104 24.45 -1.19 6.64
N THR C 105 24.66 -2.31 5.94
CA THR C 105 25.99 -2.89 5.65
C THR C 105 26.21 -2.88 4.13
N ALA C 106 27.45 -3.06 3.72
CA ALA C 106 27.91 -3.08 2.31
C ALA C 106 29.13 -3.99 2.25
N PRO C 107 29.23 -4.88 1.23
CA PRO C 107 28.18 -5.05 0.23
C PRO C 107 27.08 -5.97 0.76
N ALA C 108 26.02 -6.14 -0.02
CA ALA C 108 24.89 -7.01 0.35
C ALA C 108 24.06 -7.33 -0.89
N ALA C 109 23.12 -8.25 -0.73
CA ALA C 109 22.06 -8.54 -1.74
C ALA C 109 20.74 -8.57 -0.99
N PRO C 110 19.62 -8.20 -1.63
CA PRO C 110 18.30 -8.35 -1.05
C PRO C 110 17.89 -9.83 -0.95
N THR C 111 16.90 -10.11 -0.12
CA THR C 111 16.28 -11.45 -0.01
C THR C 111 14.80 -11.26 0.23
N TRP C 112 14.08 -12.36 0.36
CA TRP C 112 12.67 -12.39 0.80
C TRP C 112 12.58 -13.29 2.02
N ASN C 113 12.29 -12.75 3.22
CA ASN C 113 12.06 -13.63 4.37
C ASN C 113 10.71 -14.28 4.22
N PHE C 114 10.61 -15.55 4.42
CA PHE C 114 9.34 -16.25 4.23
C PHE C 114 9.34 -17.53 5.04
N THR C 115 8.14 -18.03 5.30
CA THR C 115 7.88 -19.32 5.96
C THR C 115 7.06 -20.22 5.03
N SER C 116 7.43 -21.49 4.91
CA SER C 116 6.69 -22.46 4.07
C SER C 116 6.71 -23.83 4.72
N VAL C 117 5.59 -24.54 4.69
CA VAL C 117 5.49 -25.98 5.07
C VAL C 117 4.97 -26.77 3.87
N GLN C 118 5.70 -27.82 3.48
CA GLN C 118 5.41 -28.81 2.41
C GLN C 118 5.17 -30.19 3.04
N VAL C 119 3.95 -30.69 2.93
CA VAL C 119 3.65 -32.07 3.41
C VAL C 119 3.44 -32.92 2.17
N ARG C 120 3.96 -34.14 2.22
CA ARG C 120 3.81 -35.12 1.14
C ARG C 120 3.25 -36.40 1.73
N GLY C 121 2.38 -37.02 0.94
CA GLY C 121 1.92 -38.39 1.14
C GLY C 121 0.92 -38.73 0.08
N GLU C 122 0.11 -39.72 0.41
CA GLU C 122 -0.87 -40.36 -0.50
C GLU C 122 -2.21 -39.68 -0.24
N LEU C 123 -2.78 -39.08 -1.27
CA LEU C 123 -4.13 -38.47 -1.14
C LEU C 123 -5.15 -39.60 -1.30
N ARG C 124 -6.07 -39.70 -0.35
CA ARG C 124 -7.08 -40.77 -0.26
C ARG C 124 -8.44 -40.10 -0.46
N LYS C 125 -9.12 -40.31 -1.58
CA LYS C 125 -10.47 -39.73 -1.83
C LYS C 125 -11.46 -40.30 -0.80
N VAL C 126 -12.39 -39.45 -0.34
CA VAL C 126 -13.59 -39.83 0.46
C VAL C 126 -14.79 -39.88 -0.48
N GLU C 127 -15.41 -41.03 -0.67
CA GLU C 127 -16.57 -41.12 -1.60
C GLU C 127 -17.89 -41.13 -0.81
N SER C 128 -17.85 -41.44 0.49
CA SER C 128 -19.06 -41.55 1.34
C SER C 128 -19.57 -40.16 1.72
N ALA C 129 -20.87 -39.90 1.48
CA ALA C 129 -21.60 -38.67 1.88
C ALA C 129 -21.38 -38.32 3.36
N ASP C 130 -21.36 -39.33 4.25
CA ASP C 130 -21.15 -39.16 5.71
C ASP C 130 -19.79 -38.52 5.99
N ASP C 131 -18.75 -39.03 5.35
CA ASP C 131 -17.35 -38.60 5.60
C ASP C 131 -17.09 -37.26 4.89
N THR C 132 -17.87 -36.95 3.83
CA THR C 132 -17.82 -35.67 3.07
C THR C 132 -18.43 -34.57 3.94
N LEU C 133 -19.64 -34.83 4.45
CA LEU C 133 -20.30 -33.93 5.41
C LEU C 133 -19.37 -33.67 6.60
N ALA C 134 -18.81 -34.69 7.25
CA ALA C 134 -17.90 -34.52 8.43
C ALA C 134 -16.72 -33.59 8.11
N THR C 135 -16.16 -33.72 6.90
CA THR C 135 -15.00 -32.95 6.43
C THR C 135 -15.36 -31.45 6.45
N VAL C 136 -16.50 -31.09 5.84
CA VAL C 136 -16.91 -29.67 5.65
C VAL C 136 -17.35 -29.06 7.00
N ARG C 137 -18.02 -29.84 7.86
CA ARG C 137 -18.46 -29.33 9.20
C ARG C 137 -17.22 -29.18 10.10
N ALA C 138 -16.24 -30.08 9.98
CA ALA C 138 -15.02 -30.01 10.82
C ALA C 138 -14.21 -28.80 10.37
N THR C 139 -14.28 -28.48 9.07
CA THR C 139 -13.56 -27.32 8.47
C THR C 139 -14.21 -26.04 9.01
N VAL C 140 -15.53 -25.92 8.92
CA VAL C 140 -16.28 -24.82 9.57
C VAL C 140 -15.82 -24.70 11.01
N ALA C 141 -15.92 -25.74 11.82
CA ALA C 141 -15.58 -25.61 13.26
C ALA C 141 -14.20 -24.95 13.37
N ALA C 142 -13.21 -25.53 12.70
CA ALA C 142 -11.78 -25.14 12.79
C ALA C 142 -11.58 -23.71 12.25
N LEU C 143 -12.09 -23.35 11.04
CA LEU C 143 -11.74 -22.03 10.46
C LEU C 143 -12.55 -20.91 11.09
N GLU C 144 -13.87 -21.06 11.29
CA GLU C 144 -14.71 -19.97 11.88
C GLU C 144 -14.15 -19.59 13.26
N SER C 145 -13.73 -20.54 14.09
CA SER C 145 -13.21 -20.24 15.44
C SER C 145 -11.91 -19.42 15.31
N ARG C 146 -11.00 -19.83 14.42
CA ARG C 146 -9.67 -19.18 14.26
C ARG C 146 -9.76 -17.86 13.47
N PHE C 147 -10.54 -17.77 12.38
CA PHE C 147 -10.48 -16.63 11.42
C PHE C 147 -11.79 -15.83 11.34
N GLY C 148 -12.86 -16.28 11.99
CA GLY C 148 -14.22 -15.81 11.66
C GLY C 148 -14.76 -14.85 12.69
N ALA C 149 -16.08 -14.62 12.65
CA ALA C 149 -16.80 -13.63 13.48
C ALA C 149 -18.00 -14.29 14.18
N GLY C 150 -17.78 -15.48 14.75
CA GLY C 150 -18.70 -16.16 15.68
C GLY C 150 -19.96 -16.68 15.00
N TRP C 151 -19.92 -16.92 13.68
CA TRP C 151 -21.06 -17.50 12.90
C TRP C 151 -21.38 -18.91 13.42
N ASP C 152 -22.66 -19.17 13.58
CA ASP C 152 -23.21 -20.47 14.02
C ASP C 152 -23.71 -21.21 12.78
N MET C 153 -23.07 -22.33 12.47
CA MET C 153 -23.40 -23.15 11.26
C MET C 153 -24.74 -23.92 11.42
N THR C 154 -25.35 -23.95 12.60
CA THR C 154 -26.50 -24.83 12.90
C THR C 154 -27.60 -24.73 11.83
N GLY C 155 -28.02 -23.51 11.49
CA GLY C 155 -29.17 -23.27 10.59
C GLY C 155 -28.84 -23.56 9.14
N SER C 156 -27.59 -23.90 8.82
CA SER C 156 -27.13 -24.21 7.46
C SER C 156 -26.78 -25.69 7.30
N LEU C 157 -27.02 -26.49 8.33
CA LEU C 157 -26.67 -27.94 8.31
C LEU C 157 -27.38 -28.67 7.16
N ASP C 158 -28.65 -28.33 6.90
CA ASP C 158 -29.40 -28.95 5.76
C ASP C 158 -28.84 -28.45 4.44
N TYR C 159 -28.53 -27.16 4.36
CA TYR C 159 -27.93 -26.51 3.18
C TYR C 159 -26.64 -27.26 2.81
N PHE C 160 -25.76 -27.49 3.79
CA PHE C 160 -24.48 -28.23 3.61
C PHE C 160 -24.82 -29.59 2.97
N ARG C 161 -25.90 -30.20 3.42
CA ARG C 161 -26.21 -31.59 3.00
C ARG C 161 -26.63 -31.56 1.52
N ARG C 162 -27.35 -30.55 1.09
CA ARG C 162 -27.87 -30.51 -0.30
C ARG C 162 -26.73 -30.26 -1.28
N ILE C 163 -25.78 -29.38 -0.94
CA ILE C 163 -24.69 -28.96 -1.85
C ILE C 163 -23.54 -29.97 -1.76
N LEU C 164 -23.68 -30.98 -0.90
CA LEU C 164 -22.61 -31.97 -0.64
C LEU C 164 -22.16 -32.71 -1.91
N PRO C 165 -23.01 -32.97 -2.92
CA PRO C 165 -22.55 -33.70 -4.11
C PRO C 165 -21.37 -33.04 -4.85
N GLY C 166 -21.27 -31.71 -4.80
CA GLY C 166 -20.18 -30.92 -5.43
C GLY C 166 -18.86 -31.01 -4.69
N VAL C 167 -18.80 -31.55 -3.48
CA VAL C 167 -17.54 -31.61 -2.68
C VAL C 167 -16.74 -32.83 -3.08
N GLY C 168 -15.45 -32.66 -3.38
CA GLY C 168 -14.47 -33.75 -3.36
C GLY C 168 -13.67 -33.68 -2.06
N ALA C 169 -14.02 -34.50 -1.05
CA ALA C 169 -13.29 -34.54 0.24
C ALA C 169 -12.21 -35.60 0.18
N PHE C 170 -11.17 -35.40 0.99
CA PHE C 170 -9.95 -36.23 0.94
C PHE C 170 -9.22 -36.23 2.29
N ARG C 171 -8.34 -37.22 2.43
CA ARG C 171 -7.49 -37.46 3.61
C ARG C 171 -6.09 -37.53 3.07
N LEU C 172 -5.16 -36.93 3.79
CA LEU C 172 -3.72 -36.89 3.40
C LEU C 172 -2.95 -37.33 4.63
N ARG C 173 -2.52 -38.58 4.59
CA ARG C 173 -1.63 -39.17 5.61
C ARG C 173 -0.25 -38.55 5.37
N VAL C 174 0.24 -37.73 6.29
CA VAL C 174 1.55 -37.07 6.11
C VAL C 174 2.67 -38.10 6.27
N ALA C 175 3.35 -38.44 5.17
CA ALA C 175 4.53 -39.32 5.10
C ALA C 175 5.79 -38.49 5.36
N GLU C 176 5.84 -37.27 4.81
CA GLU C 176 7.02 -36.38 4.88
C GLU C 176 6.57 -34.93 5.10
N ALA C 177 7.28 -34.19 5.94
CA ALA C 177 6.94 -32.78 6.25
C ALA C 177 8.24 -31.98 6.30
N ASP C 178 8.25 -30.81 5.66
CA ASP C 178 9.46 -29.96 5.57
C ASP C 178 9.03 -28.53 5.84
N GLY C 179 9.79 -27.83 6.68
CA GLY C 179 9.54 -26.43 7.06
C GLY C 179 10.66 -25.52 6.59
N MET C 180 10.37 -24.54 5.72
CA MET C 180 11.31 -23.43 5.39
C MET C 180 10.97 -22.23 6.28
N PHE C 181 11.83 -21.89 7.23
CA PHE C 181 11.64 -20.70 8.08
C PHE C 181 12.79 -19.72 7.83
N LYS C 182 12.65 -18.97 6.75
CA LYS C 182 13.74 -18.08 6.25
C LYS C 182 13.54 -16.69 6.87
N LEU C 183 14.28 -16.42 7.96
CA LEU C 183 14.01 -15.34 8.94
C LEU C 183 15.33 -14.65 9.33
N SER C 184 16.25 -14.46 8.37
CA SER C 184 17.56 -13.78 8.49
C SER C 184 18.51 -14.54 9.43
N GLN C 185 18.41 -15.87 9.53
CA GLN C 185 19.33 -16.65 10.41
C GLN C 185 20.76 -16.58 9.87
N GLU C 186 20.91 -16.34 8.57
CA GLU C 186 22.20 -16.35 7.86
C GLU C 186 22.97 -15.05 8.20
N GLN C 187 22.30 -14.03 8.75
CA GLN C 187 22.90 -12.71 9.02
C GLN C 187 23.62 -12.78 10.37
N GLN C 188 24.60 -11.90 10.60
CA GLN C 188 25.20 -11.69 11.94
C GLN C 188 24.10 -11.19 12.87
N PRO C 189 24.20 -11.42 14.20
CA PRO C 189 23.08 -11.16 15.11
C PRO C 189 22.62 -9.68 15.15
N ALA C 190 23.57 -8.74 15.09
CA ALA C 190 23.34 -7.28 15.03
C ALA C 190 22.42 -6.94 13.84
N ILE C 191 22.66 -7.54 12.68
CA ILE C 191 21.92 -7.27 11.40
C ILE C 191 20.52 -7.89 11.51
N ARG C 192 20.44 -9.10 12.05
CA ARG C 192 19.18 -9.84 12.34
C ARG C 192 18.30 -8.97 13.22
N ARG C 193 18.88 -8.34 14.24
CA ARG C 193 18.22 -7.35 15.13
C ARG C 193 17.65 -6.20 14.29
N ARG C 194 18.43 -5.64 13.36
CA ARG C 194 17.97 -4.46 12.58
C ARG C 194 16.76 -4.84 11.72
N VAL C 195 16.76 -6.03 11.13
CA VAL C 195 15.63 -6.54 10.31
C VAL C 195 14.42 -6.80 11.21
N ARG C 196 14.62 -7.31 12.43
CA ARG C 196 13.49 -7.59 13.35
C ARG C 196 12.88 -6.27 13.84
N HIS C 197 13.67 -5.27 14.20
CA HIS C 197 13.17 -3.92 14.58
C HIS C 197 12.48 -3.23 13.37
N SER C 198 13.03 -3.25 12.17
CA SER C 198 12.37 -2.73 10.94
C SER C 198 10.99 -3.37 10.79
N PHE C 199 10.90 -4.69 10.75
CA PHE C 199 9.65 -5.41 10.45
C PHE C 199 8.63 -5.12 11.55
N GLY C 200 9.11 -4.72 12.75
CA GLY C 200 8.29 -4.40 13.91
C GLY C 200 7.53 -3.08 13.75
N GLY C 201 7.86 -2.27 12.74
CA GLY C 201 7.44 -0.87 12.58
C GLY C 201 6.26 -0.69 11.63
N ALA C 202 5.71 -1.78 11.10
CA ALA C 202 4.51 -1.80 10.24
C ALA C 202 3.74 -3.11 10.39
N GLU C 203 2.40 -3.01 10.30
CA GLU C 203 1.50 -4.17 10.54
C GLU C 203 1.78 -5.26 9.49
N ALA C 204 1.98 -4.87 8.22
CA ALA C 204 2.23 -5.82 7.10
C ALA C 204 3.36 -6.80 7.47
N THR C 205 4.35 -6.36 8.25
CA THR C 205 5.59 -7.14 8.46
C THR C 205 5.70 -7.62 9.91
N ARG C 206 4.73 -7.33 10.78
CA ARG C 206 4.82 -7.58 12.23
C ARG C 206 4.81 -9.09 12.51
N ALA C 207 3.99 -9.90 11.81
CA ALA C 207 3.95 -11.39 11.97
C ALA C 207 5.32 -11.98 11.66
N VAL C 208 6.07 -11.44 10.68
CA VAL C 208 7.48 -11.89 10.39
C VAL C 208 8.39 -11.54 11.58
N ALA C 209 8.28 -10.34 12.14
CA ALA C 209 9.07 -9.89 13.32
C ALA C 209 8.80 -10.81 14.53
N GLY C 210 7.54 -11.23 14.70
CA GLY C 210 7.05 -12.18 15.73
C GLY C 210 7.82 -13.50 15.74
N LEU C 211 7.97 -14.09 14.55
CA LEU C 211 8.71 -15.37 14.38
C LEU C 211 10.20 -15.08 14.61
N MET C 212 10.74 -14.00 14.06
CA MET C 212 12.16 -13.68 14.26
C MET C 212 12.41 -13.59 15.77
N ASP C 213 11.47 -13.01 16.51
CA ASP C 213 11.64 -12.73 17.97
C ASP C 213 11.53 -14.04 18.76
N ARG C 214 10.77 -15.04 18.30
CA ARG C 214 10.69 -16.34 19.01
C ARG C 214 11.91 -17.23 18.66
N LEU C 215 12.81 -16.81 17.76
CA LEU C 215 13.97 -17.65 17.36
C LEU C 215 14.98 -17.69 18.52
N PRO C 216 15.64 -18.84 18.78
CA PRO C 216 16.58 -18.97 19.90
C PRO C 216 17.77 -18.00 19.87
N GLY D 4 4.01 34.76 16.01
CA GLY D 4 3.87 34.61 14.55
C GLY D 4 2.44 34.28 14.15
N ALA D 5 2.17 34.18 12.84
CA ALA D 5 0.87 33.82 12.25
C ALA D 5 0.74 32.29 12.09
N MET D 6 1.84 31.55 12.26
CA MET D 6 1.85 30.07 12.35
C MET D 6 2.40 29.62 13.71
N PHE D 7 1.68 28.73 14.38
CA PHE D 7 2.11 28.15 15.68
C PHE D 7 3.12 27.03 15.42
N VAL D 8 4.36 27.21 15.87
CA VAL D 8 5.42 26.17 15.72
C VAL D 8 6.15 26.09 17.05
N PRO D 9 5.94 25.00 17.83
CA PRO D 9 6.60 24.83 19.12
C PRO D 9 8.12 24.84 18.96
N GLY D 10 8.85 25.24 20.01
CA GLY D 10 10.31 25.46 20.00
C GLY D 10 11.10 24.35 19.32
N PRO D 11 10.88 23.05 19.65
CA PRO D 11 11.70 21.97 19.09
C PRO D 11 11.55 21.72 17.57
N TYR D 12 10.51 22.26 16.96
CA TYR D 12 10.08 22.01 15.56
C TYR D 12 10.48 23.12 14.61
N HIS D 13 11.30 24.08 15.04
CA HIS D 13 11.88 25.12 14.15
C HIS D 13 12.98 24.46 13.30
N ALA D 14 13.10 24.80 12.02
CA ALA D 14 14.19 24.31 11.15
C ALA D 14 15.55 24.69 11.76
N PRO D 15 16.59 23.85 11.60
CA PRO D 15 17.95 24.26 11.94
C PRO D 15 18.39 25.60 11.32
N GLU D 16 18.01 25.83 10.05
CA GLU D 16 18.46 26.98 9.22
C GLU D 16 17.29 27.46 8.35
N ASP D 17 17.30 28.75 8.03
CA ASP D 17 16.30 29.40 7.16
C ASP D 17 16.22 28.62 5.84
N ARG D 18 17.34 28.09 5.36
CA ARG D 18 17.50 27.44 4.04
C ARG D 18 16.54 26.24 3.91
N TRP D 19 16.21 25.56 5.01
CA TRP D 19 15.32 24.38 5.02
C TRP D 19 13.95 24.78 4.48
N LEU D 20 13.52 26.01 4.75
CA LEU D 20 12.19 26.52 4.36
C LEU D 20 12.19 26.71 2.84
N VAL D 21 13.26 27.31 2.29
CA VAL D 21 13.45 27.52 0.82
C VAL D 21 13.49 26.15 0.15
N ASP D 22 14.23 25.20 0.73
CA ASP D 22 14.34 23.82 0.21
C ASP D 22 12.94 23.22 0.04
N LEU D 23 12.06 23.32 1.07
CA LEU D 23 10.74 22.65 1.06
C LEU D 23 9.87 23.29 -0.02
N VAL D 24 9.93 24.61 -0.17
CA VAL D 24 9.19 25.35 -1.23
C VAL D 24 9.62 24.85 -2.61
N ARG D 25 10.92 24.64 -2.83
CA ARG D 25 11.45 24.11 -4.12
C ARG D 25 11.01 22.65 -4.31
N GLY D 26 11.05 21.83 -3.27
CA GLY D 26 10.70 20.39 -3.30
C GLY D 26 9.21 20.14 -3.51
N HIS D 27 8.33 21.07 -3.13
CA HIS D 27 6.86 20.86 -3.04
C HIS D 27 6.13 22.09 -3.54
N PRO D 28 6.32 22.40 -4.83
CA PRO D 28 5.86 23.66 -5.40
C PRO D 28 4.33 23.77 -5.51
N LEU D 29 3.61 22.66 -5.31
CA LEU D 29 2.12 22.63 -5.43
C LEU D 29 1.52 23.00 -4.06
N ALA D 30 1.39 24.31 -3.82
CA ALA D 30 1.03 24.90 -2.54
C ALA D 30 -0.49 24.92 -2.42
N GLN D 31 -0.97 25.04 -1.19
CA GLN D 31 -2.40 25.37 -0.93
C GLN D 31 -2.48 26.88 -0.67
N LEU D 32 -3.15 27.57 -1.57
CA LEU D 32 -3.31 29.05 -1.51
C LEU D 32 -4.63 29.37 -0.81
N ALA D 33 -4.57 30.06 0.33
CA ALA D 33 -5.77 30.38 1.15
C ALA D 33 -5.94 31.90 1.26
N SER D 34 -7.18 32.37 1.16
CA SER D 34 -7.59 33.77 1.42
C SER D 34 -8.98 33.70 2.10
N ASN D 35 -9.35 34.74 2.82
CA ASN D 35 -10.61 34.82 3.58
C ASN D 35 -11.81 34.63 2.63
N GLY D 36 -12.83 33.91 3.07
CA GLY D 36 -14.13 33.83 2.41
C GLY D 36 -14.92 35.10 2.67
N ALA D 37 -15.87 35.44 1.77
CA ALA D 37 -16.76 36.62 1.89
C ALA D 37 -17.77 36.37 3.01
N GLY D 38 -17.93 37.40 3.86
CA GLY D 38 -18.97 37.53 4.91
C GLY D 38 -19.11 36.25 5.71
N GLY D 39 -18.08 35.90 6.48
CA GLY D 39 -18.05 34.73 7.38
C GLY D 39 -18.15 33.40 6.66
N ALA D 40 -17.84 33.34 5.36
CA ALA D 40 -17.66 32.05 4.64
C ALA D 40 -16.27 31.52 4.98
N ALA D 41 -16.07 30.21 4.86
CA ALA D 41 -14.77 29.51 5.01
C ALA D 41 -13.76 30.10 4.01
N PRO D 42 -12.43 30.11 4.31
CA PRO D 42 -11.43 30.47 3.32
C PRO D 42 -11.61 29.72 1.99
N HIS D 43 -11.31 30.39 0.87
CA HIS D 43 -11.03 29.76 -0.46
C HIS D 43 -9.67 29.09 -0.40
N ILE D 44 -9.58 27.87 -0.92
CA ILE D 44 -8.31 27.11 -0.96
C ILE D 44 -8.14 26.58 -2.38
N THR D 45 -7.01 26.87 -3.01
CA THR D 45 -6.69 26.39 -4.37
C THR D 45 -5.28 25.81 -4.36
N HIS D 46 -5.12 24.59 -4.88
CA HIS D 46 -3.79 23.98 -5.17
C HIS D 46 -3.21 24.68 -6.38
N VAL D 47 -2.13 25.39 -6.15
CA VAL D 47 -1.47 26.23 -7.21
C VAL D 47 0.00 25.93 -7.21
N PRO D 48 0.58 25.85 -8.42
CA PRO D 48 2.03 25.78 -8.57
C PRO D 48 2.74 27.10 -8.30
N ILE D 49 3.75 27.07 -7.44
CA ILE D 49 4.44 28.32 -7.00
C ILE D 49 5.95 28.09 -6.97
N ILE D 50 6.74 29.04 -7.51
CA ILE D 50 8.22 28.94 -7.56
C ILE D 50 8.83 30.24 -7.03
N VAL D 51 10.06 30.16 -6.57
CA VAL D 51 10.90 31.32 -6.19
C VAL D 51 11.12 32.20 -7.44
N ASP D 52 11.09 33.51 -7.29
CA ASP D 52 11.61 34.51 -8.26
C ASP D 52 12.74 33.88 -9.05
N PRO D 53 12.54 33.56 -10.34
CA PRO D 53 13.59 32.95 -11.16
C PRO D 53 14.76 33.88 -11.49
N GLU D 54 14.50 35.19 -11.44
CA GLU D 54 15.48 36.28 -11.68
C GLU D 54 16.46 36.39 -10.49
N LEU D 55 16.21 35.69 -9.38
CA LEU D 55 17.09 35.77 -8.19
C LEU D 55 18.42 35.10 -8.53
N ASP D 56 19.51 35.85 -8.41
CA ASP D 56 20.89 35.28 -8.34
C ASP D 56 21.31 35.33 -6.86
N GLY D 57 22.49 34.78 -6.56
CA GLY D 57 22.97 34.56 -5.20
C GLY D 57 22.27 33.34 -4.61
N PRO D 58 22.82 32.74 -3.52
CA PRO D 58 22.11 31.70 -2.79
C PRO D 58 20.88 32.33 -2.12
N VAL D 59 19.73 31.65 -2.19
CA VAL D 59 18.47 32.06 -1.51
C VAL D 59 18.43 31.32 -0.17
N ASP D 60 18.68 32.02 0.93
CA ASP D 60 18.74 31.39 2.28
C ASP D 60 17.47 31.72 3.07
N ARG D 61 16.75 32.79 2.73
CA ARG D 61 15.53 33.20 3.49
C ARG D 61 14.41 33.46 2.49
N LEU D 62 13.18 33.11 2.84
CA LEU D 62 12.01 33.37 1.99
C LEU D 62 11.54 34.81 2.18
N VAL D 63 11.72 35.36 3.38
CA VAL D 63 11.23 36.73 3.73
C VAL D 63 11.97 37.73 2.83
N GLY D 64 11.23 38.54 2.09
CA GLY D 64 11.76 39.59 1.20
C GLY D 64 11.73 39.16 -0.27
N ILE D 65 11.64 37.87 -0.57
CA ILE D 65 11.66 37.45 -1.99
C ILE D 65 10.22 37.46 -2.49
N THR D 66 10.06 37.56 -3.80
CA THR D 66 8.76 37.39 -4.49
C THR D 66 8.67 35.97 -5.02
N LEU D 67 7.53 35.32 -4.77
CA LEU D 67 7.12 34.02 -5.35
C LEU D 67 6.24 34.31 -6.55
N TRP D 68 6.30 33.43 -7.55
CA TRP D 68 5.49 33.48 -8.79
C TRP D 68 4.53 32.30 -8.83
N GLY D 69 3.31 32.50 -9.31
CA GLY D 69 2.34 31.41 -9.40
C GLY D 69 1.26 31.69 -10.42
N HIS D 70 0.45 30.69 -10.72
CA HIS D 70 -0.75 30.86 -11.56
C HIS D 70 -1.87 29.98 -11.04
N MET D 71 -3.08 30.27 -11.55
CA MET D 71 -4.29 29.51 -11.26
C MET D 71 -5.22 29.68 -12.46
N ASN D 72 -6.40 29.08 -12.41
CA ASN D 72 -7.40 29.23 -13.50
C ASN D 72 -8.17 30.53 -13.26
N ARG D 73 -8.22 31.45 -14.24
CA ARG D 73 -9.05 32.69 -14.15
C ARG D 73 -10.53 32.37 -13.84
N ALA D 74 -11.00 31.23 -14.29
CA ALA D 74 -12.42 30.81 -14.23
C ALA D 74 -12.76 30.32 -12.83
N ASN D 75 -11.71 30.05 -12.03
CA ASN D 75 -11.80 29.69 -10.59
C ASN D 75 -12.33 30.93 -9.86
N PRO D 76 -13.50 30.88 -9.19
CA PRO D 76 -14.01 32.01 -8.40
C PRO D 76 -12.96 32.61 -7.45
N HIS D 77 -12.05 31.74 -7.01
CA HIS D 77 -10.95 32.16 -6.11
C HIS D 77 -10.22 33.34 -6.77
N TRP D 78 -10.07 33.31 -8.10
CA TRP D 78 -9.36 34.40 -8.81
C TRP D 78 -10.05 35.76 -8.59
N ALA D 79 -11.35 35.86 -8.90
CA ALA D 79 -12.18 37.10 -8.74
C ALA D 79 -12.31 37.48 -7.25
N ALA D 80 -12.36 36.49 -6.36
CA ALA D 80 -12.48 36.68 -4.89
C ALA D 80 -11.24 37.43 -4.37
N LEU D 81 -10.09 37.27 -5.04
CA LEU D 81 -8.82 37.84 -4.52
C LEU D 81 -8.78 39.35 -4.75
N GLY D 82 -9.69 39.86 -5.60
CA GLY D 82 -10.04 41.29 -5.73
C GLY D 82 -8.84 42.11 -6.18
N GLY D 83 -8.17 42.72 -5.19
CA GLY D 83 -7.01 43.60 -5.37
C GLY D 83 -5.85 43.13 -4.52
N ALA D 84 -5.32 43.94 -3.61
CA ALA D 84 -4.17 43.40 -2.86
C ALA D 84 -4.66 42.55 -1.69
N ALA D 85 -4.85 41.26 -1.94
CA ALA D 85 -5.36 40.32 -0.91
C ALA D 85 -4.23 39.73 -0.08
N ASN D 86 -4.43 39.73 1.23
CA ASN D 86 -3.48 39.11 2.17
C ASN D 86 -3.77 37.62 2.09
N VAL D 87 -2.73 36.83 1.86
CA VAL D 87 -2.89 35.37 1.61
C VAL D 87 -1.86 34.60 2.41
N VAL D 88 -2.11 33.31 2.52
CA VAL D 88 -1.12 32.33 2.99
C VAL D 88 -1.04 31.29 1.89
N ALA D 89 0.18 30.86 1.59
CA ALA D 89 0.40 29.69 0.71
C ALA D 89 1.13 28.68 1.58
N THR D 90 0.59 27.46 1.71
CA THR D 90 1.16 26.38 2.55
C THR D 90 1.76 25.29 1.65
N PHE D 91 2.98 24.93 1.93
CA PHE D 91 3.78 23.96 1.16
C PHE D 91 4.00 22.77 2.08
N ALA D 92 3.65 21.57 1.66
CA ALA D 92 3.64 20.36 2.52
C ALA D 92 4.73 19.42 2.02
N GLY D 93 5.74 19.14 2.86
CA GLY D 93 6.88 18.28 2.53
C GLY D 93 6.70 16.84 3.05
N PRO D 94 7.81 16.09 3.20
CA PRO D 94 7.73 14.70 3.67
C PRO D 94 7.00 14.60 5.01
N ASN D 95 6.29 13.48 5.21
CA ASN D 95 5.47 13.25 6.42
C ASN D 95 5.27 11.75 6.60
N ALA D 96 5.17 11.26 7.84
CA ALA D 96 4.78 9.87 8.15
C ALA D 96 4.16 9.73 9.56
N TYR D 97 3.09 8.94 9.64
CA TYR D 97 2.53 8.41 10.92
C TYR D 97 3.66 7.83 11.80
N VAL D 98 3.62 8.10 13.08
CA VAL D 98 4.65 7.56 14.02
C VAL D 98 3.96 6.66 15.06
N SER D 99 4.09 5.34 14.88
CA SER D 99 3.53 4.34 15.82
C SER D 99 4.45 4.30 17.03
N PRO D 100 3.90 4.34 18.27
CA PRO D 100 4.64 4.09 19.49
C PRO D 100 5.31 2.71 19.56
N ALA D 101 4.81 1.74 18.78
CA ALA D 101 5.47 0.44 18.57
C ALA D 101 6.93 0.67 18.17
N VAL D 102 7.22 1.71 17.40
CA VAL D 102 8.59 2.02 16.90
C VAL D 102 9.44 2.46 18.09
N TYR D 103 8.88 3.27 18.99
CA TYR D 103 9.56 3.84 20.18
C TYR D 103 10.10 2.72 21.08
N ARG D 104 9.30 1.67 21.22
CA ARG D 104 9.50 0.48 22.09
C ARG D 104 9.43 0.89 23.57
N THR D 105 8.78 2.01 23.85
CA THR D 105 8.70 2.63 25.20
C THR D 105 7.24 2.63 25.66
N ALA D 106 7.05 2.86 26.95
CA ALA D 106 5.73 2.88 27.61
C ALA D 106 5.84 3.76 28.84
N PRO D 107 4.89 4.68 29.10
CA PRO D 107 3.75 4.90 28.22
C PRO D 107 4.17 5.82 27.07
N ALA D 108 3.29 5.99 26.08
CA ALA D 108 3.56 6.84 24.91
C ALA D 108 2.26 7.26 24.26
N ALA D 109 2.33 8.19 23.32
CA ALA D 109 1.21 8.47 22.39
C ALA D 109 1.77 8.57 20.97
N PRO D 110 0.94 8.28 19.94
CA PRO D 110 1.44 8.30 18.57
C PRO D 110 1.46 9.75 18.11
N THR D 111 2.12 10.02 17.00
CA THR D 111 2.11 11.36 16.39
C THR D 111 2.21 11.16 14.90
N TRP D 112 2.38 12.28 14.20
CA TRP D 112 2.56 12.35 12.74
C TRP D 112 3.72 13.29 12.51
N ASN D 113 4.85 12.77 12.04
CA ASN D 113 6.03 13.60 11.69
C ASN D 113 5.69 14.26 10.35
N PHE D 114 5.91 15.55 10.21
CA PHE D 114 5.56 16.28 8.99
C PHE D 114 6.33 17.59 8.92
N THR D 115 6.43 18.09 7.70
CA THR D 115 7.13 19.34 7.34
C THR D 115 6.11 20.24 6.64
N SER D 116 6.06 21.51 7.02
CA SER D 116 5.17 22.49 6.34
C SER D 116 5.89 23.84 6.33
N VAL D 117 5.68 24.62 5.27
CA VAL D 117 6.08 26.05 5.23
C VAL D 117 4.83 26.83 4.88
N GLN D 118 4.55 27.85 5.68
CA GLN D 118 3.46 28.83 5.43
C GLN D 118 4.08 30.21 5.11
N VAL D 119 3.84 30.75 3.93
CA VAL D 119 4.33 32.10 3.58
C VAL D 119 3.11 32.99 3.53
N ARG D 120 3.22 34.22 4.04
CA ARG D 120 2.12 35.21 3.95
C ARG D 120 2.66 36.52 3.38
N GLY D 121 1.80 37.17 2.62
CA GLY D 121 2.00 38.54 2.13
C GLY D 121 0.87 38.89 1.21
N GLU D 122 1.02 39.93 0.40
CA GLU D 122 -0.15 40.41 -0.38
C GLU D 122 -0.01 39.79 -1.78
N LEU D 123 -1.04 39.09 -2.24
CA LEU D 123 -1.04 38.58 -3.62
C LEU D 123 -1.27 39.77 -4.55
N ARG D 124 -0.40 39.96 -5.54
CA ARG D 124 -0.53 40.97 -6.61
C ARG D 124 -0.80 40.25 -7.92
N LYS D 125 -1.95 40.45 -8.55
CA LYS D 125 -2.32 39.78 -9.83
C LYS D 125 -1.43 40.38 -10.94
N VAL D 126 -1.04 39.55 -11.91
CA VAL D 126 -0.34 39.95 -13.17
C VAL D 126 -1.40 40.03 -14.29
N GLU D 127 -1.63 41.20 -14.89
CA GLU D 127 -2.68 41.33 -15.93
C GLU D 127 -2.09 41.47 -17.34
N SER D 128 -0.78 41.71 -17.50
CA SER D 128 -0.11 41.73 -18.82
C SER D 128 0.16 40.30 -19.29
N ALA D 129 -0.15 40.01 -20.55
CA ALA D 129 0.08 38.70 -21.20
C ALA D 129 1.57 38.39 -21.22
N ASP D 130 2.43 39.40 -21.30
CA ASP D 130 3.90 39.19 -21.35
C ASP D 130 4.33 38.56 -20.02
N ASP D 131 3.85 39.13 -18.91
CA ASP D 131 4.19 38.69 -17.53
C ASP D 131 3.52 37.34 -17.21
N THR D 132 2.38 37.06 -17.85
CA THR D 132 1.61 35.80 -17.70
C THR D 132 2.41 34.70 -18.38
N LEU D 133 2.84 34.94 -19.61
CA LEU D 133 3.71 34.00 -20.35
C LEU D 133 5.02 33.76 -19.59
N ALA D 134 5.71 34.80 -19.16
CA ALA D 134 6.91 34.65 -18.28
C ALA D 134 6.63 33.68 -17.12
N THR D 135 5.46 33.80 -16.47
CA THR D 135 5.14 32.99 -15.27
C THR D 135 5.13 31.50 -15.66
N VAL D 136 4.42 31.15 -16.73
CA VAL D 136 4.21 29.72 -17.11
C VAL D 136 5.50 29.13 -17.70
N ARG D 137 6.27 29.87 -18.52
CA ARG D 137 7.62 29.46 -19.02
C ARG D 137 8.60 29.26 -17.84
N ALA D 138 8.57 30.12 -16.84
CA ALA D 138 9.50 30.08 -15.68
C ALA D 138 9.15 28.84 -14.87
N THR D 139 7.85 28.60 -14.73
CA THR D 139 7.34 27.42 -13.99
C THR D 139 7.79 26.13 -14.70
N VAL D 140 7.61 26.04 -16.01
CA VAL D 140 8.07 24.85 -16.78
C VAL D 140 9.56 24.69 -16.51
N ALA D 141 10.35 25.75 -16.64
CA ALA D 141 11.82 25.56 -16.58
C ALA D 141 12.20 24.97 -15.21
N ALA D 142 11.63 25.54 -14.14
CA ALA D 142 11.90 25.14 -12.74
C ALA D 142 11.31 23.73 -12.48
N LEU D 143 10.08 23.42 -12.90
CA LEU D 143 9.49 22.10 -12.50
C LEU D 143 9.97 20.95 -13.39
N GLU D 144 10.07 21.13 -14.72
CA GLU D 144 10.48 20.04 -15.63
C GLU D 144 11.89 19.55 -15.24
N SER D 145 12.82 20.47 -14.95
CA SER D 145 14.22 20.13 -14.56
C SER D 145 14.22 19.33 -13.23
N ARG D 146 13.40 19.69 -12.24
CA ARG D 146 13.42 19.07 -10.89
C ARG D 146 12.60 17.77 -10.86
N PHE D 147 11.47 17.73 -11.56
CA PHE D 147 10.48 16.63 -11.37
C PHE D 147 10.22 15.87 -12.68
N GLY D 148 10.71 16.36 -13.82
CA GLY D 148 10.21 15.93 -15.14
C GLY D 148 11.11 14.90 -15.79
N ALA D 149 10.97 14.71 -17.11
CA ALA D 149 11.64 13.64 -17.87
C ALA D 149 12.31 14.25 -19.12
N GLY D 150 12.99 15.38 -18.93
CA GLY D 150 13.78 16.08 -19.97
C GLY D 150 12.94 16.56 -21.14
N TRP D 151 11.66 16.87 -20.91
CA TRP D 151 10.79 17.45 -21.97
C TRP D 151 11.33 18.82 -22.35
N ASP D 152 11.28 19.15 -23.64
CA ASP D 152 11.73 20.45 -24.19
C ASP D 152 10.48 21.23 -24.58
N MET D 153 10.25 22.38 -23.93
CA MET D 153 9.07 23.25 -24.14
C MET D 153 9.13 23.98 -25.49
N THR D 154 10.27 23.92 -26.22
CA THR D 154 10.52 24.75 -27.43
C THR D 154 9.38 24.57 -28.46
N GLY D 155 8.97 23.34 -28.72
CA GLY D 155 7.95 23.04 -29.75
C GLY D 155 6.58 23.57 -29.36
N SER D 156 6.38 23.94 -28.09
CA SER D 156 5.07 24.28 -27.48
C SER D 156 4.98 25.77 -27.11
N LEU D 157 6.04 26.54 -27.41
CA LEU D 157 6.09 27.97 -27.02
C LEU D 157 4.91 28.72 -27.66
N ASP D 158 4.61 28.45 -28.92
CA ASP D 158 3.43 29.12 -29.56
C ASP D 158 2.15 28.60 -28.91
N TYR D 159 2.05 27.31 -28.67
CA TYR D 159 0.89 26.68 -28.01
C TYR D 159 0.58 27.39 -26.67
N PHE D 160 1.60 27.60 -25.83
CA PHE D 160 1.47 28.33 -24.54
C PHE D 160 0.76 29.65 -24.81
N ARG D 161 1.15 30.34 -25.89
CA ARG D 161 0.58 31.66 -26.24
C ARG D 161 -0.86 31.42 -26.72
N ARG D 162 -1.10 30.35 -27.50
CA ARG D 162 -2.43 29.99 -28.06
C ARG D 162 -3.40 29.52 -26.95
N ILE D 163 -2.98 29.32 -25.69
CA ILE D 163 -3.89 28.87 -24.57
C ILE D 163 -3.81 29.78 -23.34
N LEU D 164 -3.26 31.00 -23.47
CA LEU D 164 -2.78 31.85 -22.34
C LEU D 164 -3.91 32.58 -21.61
N PRO D 165 -5.04 32.93 -22.25
CA PRO D 165 -6.07 33.72 -21.55
C PRO D 165 -6.63 33.11 -20.25
N GLY D 166 -6.70 31.77 -20.14
CA GLY D 166 -7.20 31.04 -18.96
C GLY D 166 -6.31 31.24 -17.74
N VAL D 167 -5.04 31.61 -17.93
CA VAL D 167 -4.01 31.72 -16.84
C VAL D 167 -4.29 33.00 -16.03
N GLY D 168 -4.45 32.86 -14.71
CA GLY D 168 -4.38 33.97 -13.74
C GLY D 168 -3.05 33.94 -13.01
N ALA D 169 -2.07 34.73 -13.47
CA ALA D 169 -0.70 34.76 -12.89
C ALA D 169 -0.67 35.77 -11.76
N PHE D 170 0.21 35.54 -10.77
CA PHE D 170 0.31 36.37 -9.57
C PHE D 170 1.76 36.38 -9.04
N ARG D 171 2.01 37.34 -8.19
CA ARG D 171 3.30 37.57 -7.51
C ARG D 171 2.91 37.66 -6.05
N LEU D 172 3.73 37.09 -5.19
CA LEU D 172 3.50 37.10 -3.74
C LEU D 172 4.79 37.51 -3.05
N ARG D 173 4.84 38.73 -2.53
CA ARG D 173 5.99 39.25 -1.75
C ARG D 173 5.89 38.62 -0.36
N VAL D 174 6.89 37.84 0.04
CA VAL D 174 6.84 37.11 1.32
C VAL D 174 7.14 38.12 2.44
N ALA D 175 6.08 38.53 3.15
CA ALA D 175 6.09 39.36 4.37
C ALA D 175 6.51 38.52 5.57
N GLU D 176 6.07 37.25 5.64
CA GLU D 176 6.44 36.36 6.78
C GLU D 176 6.49 34.92 6.29
N ALA D 177 7.37 34.12 6.89
CA ALA D 177 7.58 32.70 6.56
C ALA D 177 7.77 31.93 7.85
N ASP D 178 7.03 30.86 8.03
CA ASP D 178 7.15 30.00 9.24
C ASP D 178 7.26 28.58 8.73
N GLY D 179 8.07 27.78 9.41
CA GLY D 179 8.37 26.39 9.04
C GLY D 179 8.09 25.47 10.20
N MET D 180 7.21 24.48 10.00
CA MET D 180 7.05 23.35 10.93
C MET D 180 7.91 22.18 10.44
N PHE D 181 8.96 21.81 11.18
CA PHE D 181 9.70 20.56 10.93
C PHE D 181 9.52 19.61 12.11
N LYS D 182 8.43 18.85 12.05
CA LYS D 182 8.07 17.94 13.18
C LYS D 182 8.64 16.54 12.91
N LEU D 183 9.77 16.24 13.54
CA LEU D 183 10.73 15.18 13.14
C LEU D 183 11.26 14.46 14.40
N SER D 184 10.41 14.31 15.44
CA SER D 184 10.68 13.62 16.72
C SER D 184 11.70 14.36 17.61
N GLN D 185 11.89 15.67 17.46
CA GLN D 185 12.88 16.44 18.27
C GLN D 185 12.50 16.37 19.76
N GLU D 186 11.22 16.25 20.05
CA GLU D 186 10.66 16.18 21.43
C GLU D 186 11.11 14.88 22.12
N GLN D 187 11.48 13.83 21.37
CA GLN D 187 11.84 12.49 21.93
C GLN D 187 13.30 12.49 22.42
N GLN D 188 13.63 11.59 23.35
CA GLN D 188 15.02 11.30 23.81
C GLN D 188 15.82 10.76 22.63
N PRO D 189 17.15 11.03 22.53
CA PRO D 189 17.91 10.74 21.32
C PRO D 189 17.85 9.27 20.85
N ALA D 190 17.84 8.32 21.80
CA ALA D 190 17.78 6.87 21.52
C ALA D 190 16.45 6.53 20.83
N ILE D 191 15.37 7.23 21.20
CA ILE D 191 14.02 7.04 20.59
C ILE D 191 14.00 7.69 19.21
N ARG D 192 14.65 8.84 19.06
CA ARG D 192 14.70 9.57 17.77
C ARG D 192 15.44 8.69 16.77
N ARG D 193 16.54 8.05 17.20
CA ARG D 193 17.31 7.06 16.39
C ARG D 193 16.39 5.94 15.90
N ARG D 194 15.60 5.34 16.81
CA ARG D 194 14.68 4.24 16.45
C ARG D 194 13.71 4.68 15.35
N VAL D 195 13.14 5.89 15.45
CA VAL D 195 12.19 6.40 14.41
C VAL D 195 12.95 6.57 13.09
N ARG D 196 14.15 7.14 13.14
CA ARG D 196 14.95 7.45 11.92
C ARG D 196 15.24 6.14 11.19
N HIS D 197 15.61 5.11 11.95
CA HIS D 197 16.00 3.76 11.45
C HIS D 197 14.76 3.04 10.92
N SER D 198 13.62 3.10 11.63
CA SER D 198 12.33 2.57 11.13
C SER D 198 12.02 3.21 9.78
N PHE D 199 12.05 4.54 9.70
CA PHE D 199 11.59 5.27 8.49
C PHE D 199 12.57 5.01 7.33
N GLY D 200 13.83 4.69 7.64
CA GLY D 200 14.86 4.33 6.66
C GLY D 200 14.55 3.03 5.93
N GLY D 201 13.64 2.19 6.46
CA GLY D 201 13.40 0.82 5.99
C GLY D 201 12.27 0.72 4.98
N ALA D 202 11.72 1.82 4.49
CA ALA D 202 10.65 1.84 3.47
C ALA D 202 10.75 3.13 2.68
N GLU D 203 10.56 3.03 1.35
CA GLU D 203 10.71 4.18 0.44
C GLU D 203 9.71 5.28 0.82
N ALA D 204 8.47 4.93 1.18
CA ALA D 204 7.39 5.89 1.53
C ALA D 204 7.85 6.76 2.71
N THR D 205 8.77 6.32 3.56
CA THR D 205 9.15 7.10 4.77
C THR D 205 10.61 7.57 4.70
N ARG D 206 11.34 7.28 3.63
CA ARG D 206 12.80 7.51 3.54
C ARG D 206 13.10 9.01 3.53
N ALA D 207 12.29 9.84 2.85
CA ALA D 207 12.50 11.31 2.82
C ALA D 207 12.41 11.88 4.24
N VAL D 208 11.49 11.37 5.08
CA VAL D 208 11.39 11.85 6.50
C VAL D 208 12.68 11.47 7.23
N ALA D 209 13.18 10.24 7.04
CA ALA D 209 14.45 9.74 7.65
C ALA D 209 15.61 10.64 7.24
N GLY D 210 15.63 11.06 5.98
CA GLY D 210 16.66 11.95 5.40
C GLY D 210 16.72 13.31 6.10
N LEU D 211 15.57 13.90 6.43
CA LEU D 211 15.52 15.18 7.19
C LEU D 211 15.94 14.93 8.64
N MET D 212 15.44 13.85 9.26
CA MET D 212 15.84 13.47 10.65
C MET D 212 17.37 13.32 10.72
N ASP D 213 17.98 12.76 9.69
CA ASP D 213 19.44 12.47 9.64
C ASP D 213 20.25 13.77 9.53
N ARG D 214 19.66 14.84 8.99
CA ARG D 214 20.34 16.16 8.80
C ARG D 214 20.11 17.10 10.00
N LEU D 215 19.29 16.72 10.99
CA LEU D 215 19.14 17.52 12.24
C LEU D 215 20.43 17.42 13.06
N PRO D 216 20.86 18.51 13.76
CA PRO D 216 22.13 18.52 14.50
C PRO D 216 22.28 17.41 15.54
#